data_2JGT
#
_entry.id   2JGT
#
_cell.length_a   93.866
_cell.length_b   109.537
_cell.length_c   187.031
_cell.angle_alpha   90.00
_cell.angle_beta   90.00
_cell.angle_gamma   90.00
#
_symmetry.space_group_name_H-M   'C 2 2 21'
#
loop_
_entity.id
_entity.type
_entity.pdbx_description
1 polymer 'SERINE PALMITOYLTRANSFERASE'
2 water water
#
_entity_poly.entity_id   1
_entity_poly.type   'polypeptide(L)'
_entity_poly.pdbx_seq_one_letter_code
;MTEAAAQPHALPADAPDIAPERDLLSKFDGLIAERQKLLDSGVTEPFAIVMEQVKSPTEAVIRGKDTILLGTYNYMGMTF
DPDVIAAGKEALEKFGSGTNGSRMLNGTFHDHMEVEQALRDFYGTTGAIVFSTGYMANLGIISTLAGKGEYVILDADSHA
SIYDGCQQGNAEIVRFRHNSVEDLDKRLGRLPKEPAKLVVLEGVYSMLGDIAPLKEMVAVAKKHGAMVLVDEAHSMGFFG
PNGRGVYEAQGLEGQIDFVVGTFSKSVGTVGGFVVSNHPKFEAVRLACRPYIFTASLPPSVVATATTSIRKLMTAHEKRE
RLWSNARALHGGLKAMGFRLGTETCDSAIVAVMLEDQEQAAMMWQALLDGGLYVNMARPPATPAGTFLLRCSICAEHTPA
QIQTVLGMFQAAGRAVGVIGLE
;
_entity_poly.pdbx_strand_id   A,B
#
# COMPACT_ATOMS: atom_id res chain seq x y z
N GLU A 45 -10.07 15.59 19.76
CA GLU A 45 -10.56 15.58 18.34
C GLU A 45 -10.27 16.93 17.66
N PRO A 46 -8.99 17.17 17.34
CA PRO A 46 -8.41 18.53 17.27
C PRO A 46 -9.07 19.47 16.26
N PHE A 47 -8.84 19.13 15.00
CA PHE A 47 -9.20 19.91 13.85
C PHE A 47 -9.65 18.84 12.88
N ALA A 48 -10.23 17.78 13.45
CA ALA A 48 -10.66 16.61 12.69
C ALA A 48 -11.68 17.02 11.64
N ILE A 49 -11.31 16.79 10.38
CA ILE A 49 -12.20 17.09 9.28
C ILE A 49 -12.70 15.79 8.64
N VAL A 50 -14.01 15.56 8.80
CA VAL A 50 -14.71 14.44 8.20
C VAL A 50 -15.68 14.99 7.16
N MET A 51 -15.50 14.56 5.91
CA MET A 51 -16.31 15.06 4.80
C MET A 51 -17.39 14.04 4.43
N GLU A 52 -18.59 14.28 4.94
CA GLU A 52 -19.70 13.34 4.80
C GLU A 52 -20.18 13.17 3.35
N GLN A 53 -20.39 14.28 2.66
CA GLN A 53 -20.87 14.25 1.28
C GLN A 53 -19.98 15.12 0.40
N VAL A 54 -19.38 14.52 -0.64
CA VAL A 54 -18.42 15.23 -1.49
C VAL A 54 -18.99 15.52 -2.89
N LYS A 55 -19.44 16.75 -3.10
CA LYS A 55 -19.98 17.18 -4.39
C LYS A 55 -18.95 17.13 -5.52
N SER A 56 -17.76 17.68 -5.27
CA SER A 56 -16.71 17.82 -6.27
C SER A 56 -15.34 17.91 -5.61
N PRO A 57 -14.26 18.12 -6.40
CA PRO A 57 -12.93 18.30 -5.80
C PRO A 57 -12.76 19.55 -4.96
N THR A 58 -13.66 20.54 -5.13
CA THR A 58 -13.52 21.83 -4.44
C THR A 58 -14.60 22.11 -3.40
N GLU A 59 -15.63 21.27 -3.34
CA GLU A 59 -16.67 21.43 -2.32
C GLU A 59 -17.22 20.13 -1.76
N ALA A 60 -17.47 20.14 -0.45
CA ALA A 60 -18.07 19.00 0.25
C ALA A 60 -18.88 19.50 1.45
N VAL A 61 -19.54 18.57 2.13
CA VAL A 61 -20.32 18.91 3.32
C VAL A 61 -19.53 18.50 4.57
N ILE A 62 -19.14 19.50 5.36
CA ILE A 62 -18.41 19.27 6.60
C ILE A 62 -19.24 19.83 7.74
N ARG A 63 -19.50 18.99 8.74
CA ARG A 63 -20.30 19.35 9.91
C ARG A 63 -21.65 19.99 9.52
N GLY A 64 -22.27 19.40 8.50
CA GLY A 64 -23.57 19.86 8.03
C GLY A 64 -23.57 21.14 7.22
N LYS A 65 -22.38 21.65 6.88
CA LYS A 65 -22.26 22.89 6.12
C LYS A 65 -21.66 22.64 4.75
N ASP A 66 -22.24 23.24 3.71
CA ASP A 66 -21.61 23.30 2.40
C ASP A 66 -20.31 24.07 2.56
N THR A 67 -19.19 23.40 2.33
CA THR A 67 -17.88 23.96 2.61
C THR A 67 -17.01 23.90 1.37
N ILE A 68 -16.34 25.01 1.05
CA ILE A 68 -15.33 25.01 0.00
C ILE A 68 -14.05 24.36 0.52
N LEU A 69 -13.51 23.44 -0.26
CA LEU A 69 -12.29 22.73 0.09
C LEU A 69 -11.07 23.46 -0.41
N LEU A 70 -10.15 23.77 0.49
CA LEU A 70 -8.97 24.56 0.18
C LEU A 70 -7.82 24.15 1.09
N GLY A 71 -7.91 22.94 1.64
CA GLY A 71 -6.85 22.39 2.49
C GLY A 71 -6.44 20.96 2.14
N THR A 72 -6.78 20.52 0.95
CA THR A 72 -6.38 19.21 0.45
C THR A 72 -5.35 19.41 -0.66
N TYR A 73 -4.70 18.35 -1.11
CA TYR A 73 -3.65 18.55 -2.10
C TYR A 73 -4.01 18.02 -3.48
N ASN A 74 -5.30 18.02 -3.79
CA ASN A 74 -5.77 17.52 -5.07
C ASN A 74 -5.55 18.54 -6.19
N TYR A 75 -4.29 18.91 -6.42
CA TYR A 75 -3.98 20.11 -7.21
C TYR A 75 -4.71 20.23 -8.55
N MET A 76 -4.72 19.15 -9.31
CA MET A 76 -5.27 19.15 -10.66
C MET A 76 -6.71 18.64 -10.70
N GLY A 77 -7.28 18.38 -9.52
CA GLY A 77 -8.66 17.92 -9.38
C GLY A 77 -8.96 16.58 -10.02
N MET A 78 -7.93 15.76 -10.19
CA MET A 78 -8.04 14.50 -10.94
C MET A 78 -8.93 13.44 -10.31
N THR A 79 -9.09 13.51 -9.00
CA THR A 79 -9.85 12.51 -8.23
C THR A 79 -11.28 12.31 -8.76
N PHE A 80 -11.83 13.36 -9.38
CA PHE A 80 -13.17 13.30 -9.97
C PHE A 80 -13.18 13.47 -11.49
N ASP A 81 -12.02 13.36 -12.11
CA ASP A 81 -11.95 13.48 -13.56
C ASP A 81 -12.77 12.38 -14.21
N PRO A 82 -13.74 12.76 -15.06
CA PRO A 82 -14.66 11.83 -15.72
C PRO A 82 -13.99 10.63 -16.39
N ASP A 83 -12.89 10.87 -17.10
CA ASP A 83 -12.16 9.79 -17.77
C ASP A 83 -11.47 8.89 -16.76
N VAL A 84 -11.04 9.47 -15.65
CA VAL A 84 -10.35 8.74 -14.60
C VAL A 84 -11.33 7.77 -13.92
N ILE A 85 -12.47 8.30 -13.48
CA ILE A 85 -13.54 7.48 -12.92
C ILE A 85 -13.88 6.33 -13.85
N ALA A 86 -14.16 6.64 -15.11
CA ALA A 86 -14.52 5.66 -16.13
C ALA A 86 -13.51 4.55 -16.19
N ALA A 87 -12.23 4.93 -16.26
CA ALA A 87 -11.11 3.98 -16.32
C ALA A 87 -11.12 3.06 -15.11
N GLY A 88 -11.37 3.65 -13.95
CA GLY A 88 -11.45 2.90 -12.71
C GLY A 88 -12.59 1.91 -12.73
N LYS A 89 -13.75 2.37 -13.20
CA LYS A 89 -14.96 1.54 -13.28
C LYS A 89 -14.81 0.37 -14.24
N GLU A 90 -14.20 0.64 -15.40
CA GLU A 90 -14.00 -0.40 -16.39
C GLU A 90 -13.06 -1.47 -15.87
N ALA A 91 -11.93 -1.03 -15.31
CA ALA A 91 -10.93 -1.93 -14.72
C ALA A 91 -11.53 -2.80 -13.63
N LEU A 92 -12.44 -2.23 -12.87
CA LEU A 92 -13.18 -2.97 -11.85
C LEU A 92 -14.07 -4.04 -12.49
N GLU A 93 -14.78 -3.65 -13.56
CA GLU A 93 -15.72 -4.51 -14.26
C GLU A 93 -15.02 -5.63 -15.03
N LYS A 94 -13.90 -5.30 -15.67
CA LYS A 94 -13.16 -6.25 -16.50
C LYS A 94 -12.23 -7.15 -15.69
N PHE A 95 -11.58 -6.59 -14.68
CA PHE A 95 -10.52 -7.30 -13.96
C PHE A 95 -10.81 -7.63 -12.48
N GLY A 96 -11.94 -7.16 -11.97
CA GLY A 96 -12.31 -7.44 -10.58
C GLY A 96 -11.71 -6.51 -9.54
N SER A 97 -11.97 -6.83 -8.27
CA SER A 97 -11.52 -6.02 -7.13
C SER A 97 -10.03 -6.17 -6.83
N GLY A 98 -9.43 -7.25 -7.34
CA GLY A 98 -8.01 -7.50 -7.18
C GLY A 98 -7.50 -8.61 -8.08
N THR A 99 -6.17 -8.68 -8.21
CA THR A 99 -5.51 -9.77 -8.95
C THR A 99 -4.33 -10.23 -8.10
N ASN A 100 -3.83 -11.45 -8.34
CA ASN A 100 -2.62 -11.92 -7.67
C ASN A 100 -1.33 -11.16 -8.06
N GLY A 101 -0.24 -11.48 -7.38
CA GLY A 101 1.03 -10.74 -7.50
C GLY A 101 1.59 -10.61 -8.90
N SER A 102 1.90 -11.75 -9.52
CA SER A 102 2.57 -11.82 -10.83
C SER A 102 3.89 -11.05 -10.86
N ARG A 103 4.65 -11.18 -9.76
CA ARG A 103 6.03 -10.69 -9.65
C ARG A 103 6.93 -11.57 -10.53
N MET A 104 8.04 -10.99 -11.01
CA MET A 104 8.97 -11.70 -11.90
C MET A 104 10.43 -11.54 -11.49
N LEU A 105 11.34 -12.07 -12.33
CA LEU A 105 12.78 -12.00 -12.11
C LEU A 105 13.19 -10.68 -11.45
N ASN A 106 13.14 -9.60 -12.23
CA ASN A 106 13.21 -8.25 -11.65
C ASN A 106 11.88 -7.97 -10.98
N GLY A 107 11.90 -7.73 -9.67
CA GLY A 107 10.66 -7.56 -8.91
C GLY A 107 9.94 -6.50 -9.73
N THR A 108 9.02 -6.91 -10.57
CA THR A 108 8.18 -6.03 -11.36
C THR A 108 6.82 -6.68 -11.38
N PHE A 109 5.86 -6.02 -10.77
CA PHE A 109 4.48 -6.48 -10.84
C PHE A 109 3.95 -6.11 -12.22
N HIS A 110 3.45 -7.12 -12.95
CA HIS A 110 2.89 -6.93 -14.28
C HIS A 110 1.85 -5.82 -14.27
N ASP A 111 1.11 -5.75 -13.17
CA ASP A 111 0.03 -4.79 -13.01
C ASP A 111 0.54 -3.36 -12.89
N HIS A 112 1.81 -3.20 -12.58
CA HIS A 112 2.43 -1.88 -12.51
C HIS A 112 3.09 -1.48 -13.82
N MET A 113 3.35 -2.46 -14.68
CA MET A 113 4.08 -2.22 -15.95
C MET A 113 3.48 -1.09 -16.77
N GLU A 114 2.15 -1.05 -16.85
CA GLU A 114 1.46 -0.02 -17.61
C GLU A 114 1.59 1.38 -16.95
N VAL A 115 1.34 1.45 -15.65
CA VAL A 115 1.48 2.71 -14.91
C VAL A 115 2.94 3.17 -14.88
N GLU A 116 3.87 2.22 -14.84
CA GLU A 116 5.30 2.54 -14.88
C GLU A 116 5.75 3.08 -16.22
N GLN A 117 5.06 2.67 -17.29
CA GLN A 117 5.32 3.19 -18.63
C GLN A 117 4.80 4.63 -18.77
N ALA A 118 3.67 4.91 -18.14
CA ALA A 118 3.10 6.26 -18.12
C ALA A 118 4.07 7.25 -17.46
N LEU A 119 4.76 6.80 -16.43
CA LEU A 119 5.75 7.61 -15.73
C LEU A 119 7.00 7.84 -16.57
N ARG A 120 7.37 6.82 -17.35
CA ARG A 120 8.48 6.93 -18.29
C ARG A 120 8.22 8.01 -19.33
N ASP A 121 7.03 7.96 -19.92
CA ASP A 121 6.60 8.96 -20.89
C ASP A 121 6.52 10.34 -20.26
N PHE A 122 5.85 10.42 -19.11
CA PHE A 122 5.65 11.69 -18.39
C PHE A 122 6.96 12.40 -18.07
N TYR A 123 7.91 11.65 -17.49
CA TYR A 123 9.20 12.21 -17.09
C TYR A 123 10.31 12.11 -18.15
N GLY A 124 10.04 11.37 -19.22
CA GLY A 124 10.99 11.16 -20.30
C GLY A 124 12.24 10.41 -19.85
N THR A 125 12.05 9.44 -18.97
CA THR A 125 13.17 8.64 -18.45
C THR A 125 13.10 7.20 -18.94
N THR A 126 14.09 6.40 -18.56
CA THR A 126 14.11 4.98 -18.90
C THR A 126 13.72 4.13 -17.68
N GLY A 127 13.91 4.69 -16.49
CA GLY A 127 13.63 3.99 -15.24
C GLY A 127 12.42 4.56 -14.51
N ALA A 128 11.59 3.66 -13.98
CA ALA A 128 10.36 4.03 -13.29
C ALA A 128 9.93 2.87 -12.41
N ILE A 129 9.89 3.11 -11.10
CA ILE A 129 9.47 2.08 -10.15
C ILE A 129 8.32 2.59 -9.29
N VAL A 130 7.17 1.92 -9.39
CA VAL A 130 5.98 2.26 -8.62
C VAL A 130 5.98 1.56 -7.26
N PHE A 131 5.54 2.28 -6.23
CA PHE A 131 5.42 1.74 -4.89
C PHE A 131 3.97 1.73 -4.41
N SER A 132 3.66 0.78 -3.53
CA SER A 132 2.31 0.56 -3.00
C SER A 132 1.81 1.75 -2.20
N THR A 133 2.74 2.42 -1.52
CA THR A 133 2.39 3.52 -0.65
C THR A 133 3.31 4.71 -0.89
N GLY A 134 2.82 5.91 -0.56
CA GLY A 134 3.59 7.12 -0.74
C GLY A 134 4.91 7.09 0.00
N TYR A 135 4.89 6.56 1.21
CA TYR A 135 6.05 6.59 2.09
C TYR A 135 7.13 5.59 1.67
N MET A 136 6.70 4.42 1.19
CA MET A 136 7.60 3.42 0.61
C MET A 136 8.43 4.04 -0.51
N ALA A 137 7.96 5.18 -1.01
CA ALA A 137 8.69 5.99 -1.98
C ALA A 137 9.31 7.21 -1.30
N ASN A 138 8.50 7.94 -0.51
CA ASN A 138 8.96 9.16 0.17
C ASN A 138 10.28 9.07 0.95
N LEU A 139 10.41 8.10 1.84
CA LEU A 139 11.62 7.99 2.67
C LEU A 139 12.11 6.56 2.64
N GLY A 140 11.22 5.67 2.19
CA GLY A 140 11.54 4.27 2.03
C GLY A 140 12.75 4.19 1.11
N ILE A 141 12.67 4.92 0.00
CA ILE A 141 13.71 4.87 -1.05
C ILE A 141 15.07 5.42 -0.60
N ILE A 142 15.04 6.38 0.33
CA ILE A 142 16.27 7.02 0.81
C ILE A 142 17.11 6.01 1.58
N SER A 143 16.50 5.37 2.58
CA SER A 143 17.15 4.31 3.36
C SER A 143 17.60 3.14 2.48
N THR A 144 16.97 3.00 1.32
CA THR A 144 17.33 1.98 0.33
C THR A 144 18.62 2.34 -0.40
N LEU A 145 18.73 3.62 -0.77
CA LEU A 145 19.86 4.10 -1.57
C LEU A 145 21.11 4.40 -0.74
N ALA A 146 20.91 4.60 0.56
CA ALA A 146 22.01 4.79 1.50
C ALA A 146 22.07 3.63 2.49
N GLY A 149 26.98 2.35 6.39
CA GLY A 149 28.02 3.34 6.67
C GLY A 149 28.11 4.39 5.60
N GLU A 150 27.05 5.16 5.45
CA GLU A 150 26.95 6.18 4.39
C GLU A 150 26.22 7.44 4.87
N TYR A 151 26.37 8.52 4.12
CA TYR A 151 25.85 9.82 4.54
C TYR A 151 24.61 10.26 3.75
N VAL A 152 23.58 10.68 4.48
CA VAL A 152 22.37 11.26 3.88
C VAL A 152 22.29 12.73 4.26
N ILE A 153 22.34 13.60 3.26
CA ILE A 153 22.33 15.03 3.51
C ILE A 153 20.99 15.63 3.07
N LEU A 154 20.28 16.22 4.02
CA LEU A 154 18.92 16.70 3.80
C LEU A 154 18.63 17.99 4.56
N ASP A 155 17.71 18.78 4.01
CA ASP A 155 17.26 20.03 4.62
C ASP A 155 16.80 19.80 6.05
N ALA A 156 17.09 20.76 6.93
CA ALA A 156 16.73 20.66 8.34
C ALA A 156 15.21 20.60 8.56
N ASP A 157 14.46 21.23 7.65
CA ASP A 157 13.00 21.25 7.70
C ASP A 157 12.39 20.31 6.66
N SER A 158 13.16 19.31 6.24
CA SER A 158 12.77 18.39 5.17
C SER A 158 11.38 17.83 5.42
N HIS A 159 10.62 17.61 4.35
CA HIS A 159 9.15 17.38 4.37
C HIS A 159 8.61 16.60 5.57
N ALA A 160 7.38 16.96 6.00
CA ALA A 160 6.73 16.38 7.20
C ALA A 160 6.79 14.84 7.17
N SER A 161 7.18 14.32 6.01
CA SER A 161 7.55 12.93 5.80
C SER A 161 9.03 12.66 6.16
N ILE A 162 9.87 13.70 6.06
CA ILE A 162 11.34 13.57 6.09
C ILE A 162 12.03 14.22 7.31
N TYR A 163 11.61 15.44 7.66
CA TYR A 163 12.26 16.32 8.67
C TYR A 163 13.62 15.86 9.20
N GLN A 168 15.64 5.39 9.41
CA GLN A 168 16.49 4.79 10.44
C GLN A 168 17.44 3.74 9.84
N GLY A 169 18.71 3.79 10.23
CA GLY A 169 19.66 2.70 9.99
C GLY A 169 20.57 2.80 8.78
N ASN A 170 21.78 2.24 8.93
CA ASN A 170 22.79 2.14 7.85
C ASN A 170 23.19 3.44 7.16
N ALA A 171 22.62 4.56 7.61
CA ALA A 171 22.87 5.86 7.00
C ALA A 171 23.06 6.94 8.05
N GLU A 172 24.22 7.59 8.01
CA GLU A 172 24.55 8.71 8.90
C GLU A 172 23.82 9.97 8.43
N ILE A 173 22.99 10.54 9.30
CA ILE A 173 22.14 11.67 8.95
C ILE A 173 22.87 13.01 9.13
N VAL A 174 22.84 13.84 8.10
CA VAL A 174 23.46 15.17 8.13
C VAL A 174 22.45 16.25 7.71
N ARG A 175 22.17 17.18 8.63
CA ARG A 175 21.15 18.19 8.42
C ARG A 175 21.76 19.58 8.20
N PHE A 176 21.49 20.17 7.03
CA PHE A 176 21.94 21.52 6.74
C PHE A 176 20.83 22.57 6.91
N ARG A 177 21.23 23.78 7.32
CA ARG A 177 20.31 24.90 7.54
C ARG A 177 19.30 25.03 6.40
N HIS A 178 18.05 25.30 6.76
CA HIS A 178 17.00 25.38 5.75
C HIS A 178 17.37 26.34 4.62
N ASN A 179 17.07 25.93 3.39
CA ASN A 179 17.28 26.73 2.19
C ASN A 179 18.63 27.40 2.07
N SER A 180 19.65 26.85 2.72
CA SER A 180 20.97 27.46 2.71
C SER A 180 21.96 26.73 1.82
N VAL A 181 22.06 27.19 0.58
CA VAL A 181 23.03 26.69 -0.42
C VAL A 181 24.42 26.56 0.20
N GLU A 182 24.81 27.56 0.97
CA GLU A 182 26.15 27.66 1.54
C GLU A 182 26.41 26.68 2.68
N ASP A 183 25.42 26.49 3.54
CA ASP A 183 25.54 25.52 4.63
C ASP A 183 25.60 24.12 4.06
N LEU A 184 24.96 23.90 2.92
CA LEU A 184 25.05 22.64 2.19
C LEU A 184 26.47 22.38 1.72
N ASP A 185 27.12 23.40 1.15
CA ASP A 185 28.50 23.29 0.71
C ASP A 185 29.42 23.03 1.90
N LYS A 186 29.25 23.83 2.95
CA LYS A 186 30.07 23.73 4.16
C LYS A 186 30.00 22.34 4.82
N ARG A 187 28.77 21.83 4.99
CA ARG A 187 28.55 20.54 5.64
C ARG A 187 29.04 19.38 4.78
N LEU A 188 28.84 19.51 3.45
CA LEU A 188 29.30 18.51 2.49
C LEU A 188 30.82 18.44 2.43
N GLY A 189 31.46 19.60 2.53
CA GLY A 189 32.92 19.70 2.46
C GLY A 189 33.65 19.18 3.70
N ARG A 190 32.89 18.96 4.77
CA ARG A 190 33.43 18.46 6.02
C ARG A 190 33.29 16.94 6.14
N LEU A 191 32.75 16.31 5.11
CA LEU A 191 32.50 14.87 5.11
C LEU A 191 33.65 14.11 4.45
N PRO A 192 33.92 12.87 4.93
CA PRO A 192 34.88 11.98 4.28
C PRO A 192 34.59 11.87 2.78
N LYS A 193 35.63 11.97 1.95
CA LYS A 193 35.45 12.04 0.50
C LYS A 193 35.09 10.71 -0.13
N GLU A 194 35.56 9.63 0.48
CA GLU A 194 35.48 8.31 -0.13
C GLU A 194 34.10 7.63 -0.11
N PRO A 195 33.37 7.70 1.03
CA PRO A 195 32.04 7.06 1.12
C PRO A 195 31.01 7.61 0.12
N ALA A 196 29.90 6.88 -0.01
CA ALA A 196 28.82 7.26 -0.93
C ALA A 196 27.82 8.21 -0.25
N LYS A 197 27.46 9.27 -0.97
CA LYS A 197 26.60 10.33 -0.43
C LYS A 197 25.34 10.55 -1.27
N LEU A 198 24.24 10.88 -0.61
CA LEU A 198 23.00 11.25 -1.28
C LEU A 198 22.42 12.52 -0.69
N VAL A 199 22.16 13.50 -1.55
CA VAL A 199 21.52 14.74 -1.15
C VAL A 199 20.06 14.72 -1.56
N VAL A 200 19.17 14.89 -0.57
CA VAL A 200 17.73 14.91 -0.79
C VAL A 200 17.20 16.34 -0.76
N LEU A 201 16.49 16.70 -1.82
CA LEU A 201 15.93 18.04 -1.96
C LEU A 201 14.47 18.00 -2.43
N GLU A 202 13.70 19.01 -2.06
CA GLU A 202 12.32 19.14 -2.49
C GLU A 202 12.19 20.30 -3.48
N GLY A 203 11.31 20.15 -4.46
CA GLY A 203 11.07 21.20 -5.43
C GLY A 203 10.34 22.37 -4.79
N VAL A 204 9.23 22.03 -4.12
CA VAL A 204 8.40 23.00 -3.41
C VAL A 204 8.43 22.66 -1.92
N TYR A 205 8.67 23.67 -1.08
CA TYR A 205 8.56 23.49 0.36
C TYR A 205 7.10 23.60 0.73
N SER A 206 6.54 22.53 1.28
CA SER A 206 5.11 22.47 1.58
C SER A 206 4.63 23.41 2.70
N MET A 207 5.55 23.85 3.56
CA MET A 207 5.22 24.67 4.72
C MET A 207 4.74 26.08 4.29
N LEU A 208 5.64 26.86 3.70
CA LEU A 208 5.33 28.22 3.27
C LEU A 208 4.96 28.33 1.79
N GLY A 209 5.30 27.31 1.00
CA GLY A 209 5.01 27.32 -0.43
C GLY A 209 6.03 28.07 -1.26
N ASP A 210 7.30 27.94 -0.91
CA ASP A 210 8.39 28.56 -1.67
C ASP A 210 9.24 27.55 -2.44
N ILE A 211 10.19 28.06 -3.22
CA ILE A 211 10.96 27.25 -4.13
C ILE A 211 12.38 27.08 -3.67
N ALA A 212 12.85 25.83 -3.66
CA ALA A 212 14.25 25.51 -3.43
C ALA A 212 15.09 26.00 -4.60
N PRO A 213 16.26 26.60 -4.30
CA PRO A 213 17.18 26.99 -5.37
C PRO A 213 17.96 25.75 -5.87
N LEU A 214 17.25 24.83 -6.51
CA LEU A 214 17.83 23.56 -6.95
C LEU A 214 19.06 23.73 -7.83
N LYS A 215 18.92 24.51 -8.91
CA LYS A 215 20.01 24.82 -9.83
C LYS A 215 21.34 25.05 -9.10
N GLU A 216 21.28 25.82 -8.02
CA GLU A 216 22.46 26.13 -7.22
C GLU A 216 22.88 24.94 -6.36
N MET A 217 21.93 24.36 -5.63
CA MET A 217 22.20 23.23 -4.73
C MET A 217 22.70 21.99 -5.48
N VAL A 218 22.01 21.65 -6.57
CA VAL A 218 22.40 20.53 -7.45
C VAL A 218 23.85 20.67 -7.91
N ALA A 219 24.23 21.86 -8.35
CA ALA A 219 25.60 22.16 -8.76
C ALA A 219 26.58 22.00 -7.61
N VAL A 220 26.16 22.43 -6.42
CA VAL A 220 26.97 22.28 -5.20
C VAL A 220 27.14 20.82 -4.82
N ALA A 221 26.12 20.01 -5.08
CA ALA A 221 26.20 18.57 -4.81
C ALA A 221 27.19 17.90 -5.77
N LYS A 222 27.10 18.25 -7.05
CA LYS A 222 27.97 17.68 -8.08
C LYS A 222 29.41 18.18 -7.98
N LYS A 223 29.61 19.28 -7.25
CA LYS A 223 30.94 19.71 -6.83
C LYS A 223 31.60 18.61 -6.01
N HIS A 224 30.77 17.82 -5.33
CA HIS A 224 31.22 16.76 -4.43
C HIS A 224 30.89 15.35 -4.91
N GLY A 225 30.35 15.24 -6.13
CA GLY A 225 30.04 13.95 -6.73
C GLY A 225 28.91 13.19 -6.04
N ALA A 226 28.22 13.89 -5.15
CA ALA A 226 27.10 13.31 -4.40
C ALA A 226 25.92 13.07 -5.33
N MET A 227 25.13 12.04 -5.03
CA MET A 227 23.93 11.75 -5.79
C MET A 227 22.77 12.62 -5.32
N VAL A 228 21.89 12.99 -6.26
CA VAL A 228 20.80 13.92 -5.96
C VAL A 228 19.41 13.29 -6.11
N LEU A 229 18.64 13.34 -5.03
CA LEU A 229 17.24 12.92 -5.07
C LEU A 229 16.35 14.16 -4.89
N VAL A 230 15.37 14.31 -5.78
CA VAL A 230 14.43 15.43 -5.70
C VAL A 230 13.00 14.94 -5.59
N ASP A 231 12.31 15.44 -4.56
CA ASP A 231 10.89 15.18 -4.38
C ASP A 231 10.11 16.20 -5.18
N GLU A 232 9.30 15.73 -6.12
CA GLU A 232 8.50 16.63 -6.96
C GLU A 232 7.00 16.37 -6.83
N ALA A 233 6.57 16.05 -5.60
CA ALA A 233 5.19 15.76 -5.28
C ALA A 233 4.29 16.98 -5.39
N HIS A 234 4.77 18.11 -4.88
CA HIS A 234 4.01 19.36 -4.85
C HIS A 234 4.16 20.19 -6.12
N SER A 235 4.71 19.59 -7.17
CA SER A 235 4.93 20.30 -8.41
C SER A 235 4.37 19.56 -9.63
N MET A 236 4.12 18.26 -9.48
CA MET A 236 3.76 17.39 -10.60
C MET A 236 2.58 17.88 -11.43
N GLY A 237 2.83 18.11 -12.71
CA GLY A 237 1.81 18.54 -13.64
C GLY A 237 1.71 20.04 -13.87
N PHE A 238 2.52 20.83 -13.18
CA PHE A 238 2.41 22.29 -13.30
C PHE A 238 3.70 23.11 -13.11
N PHE A 239 4.85 22.44 -13.17
CA PHE A 239 6.17 23.09 -13.13
C PHE A 239 7.05 22.60 -14.29
N GLY A 240 7.57 23.53 -15.09
CA GLY A 240 8.43 23.20 -16.22
C GLY A 240 7.66 22.96 -17.51
N PRO A 241 8.36 22.93 -18.66
CA PRO A 241 7.73 22.73 -19.97
C PRO A 241 6.78 21.53 -20.03
N ASN A 242 7.14 20.44 -19.36
CA ASN A 242 6.34 19.20 -19.38
C ASN A 242 5.66 18.87 -18.06
N GLY A 243 5.71 19.81 -17.12
CA GLY A 243 5.07 19.63 -15.81
C GLY A 243 5.76 18.58 -14.96
N ARG A 244 7.07 18.42 -15.16
CA ARG A 244 7.84 17.39 -14.46
C ARG A 244 8.31 17.83 -13.08
N GLY A 245 8.30 19.13 -12.83
CA GLY A 245 8.64 19.65 -11.51
C GLY A 245 9.61 20.80 -11.52
N VAL A 246 9.88 21.34 -10.33
CA VAL A 246 10.77 22.47 -10.18
C VAL A 246 12.12 22.22 -10.85
N TYR A 247 12.62 20.99 -10.77
CA TYR A 247 13.90 20.66 -11.38
C TYR A 247 13.89 21.00 -12.88
N GLU A 248 12.78 20.68 -13.56
CA GLU A 248 12.64 20.96 -14.98
C GLU A 248 12.55 22.47 -15.27
N ALA A 249 11.75 23.18 -14.48
CA ALA A 249 11.60 24.63 -14.63
C ALA A 249 12.92 25.38 -14.46
N GLN A 250 13.92 24.71 -13.90
CA GLN A 250 15.24 25.29 -13.69
C GLN A 250 16.27 24.64 -14.62
N GLY A 251 15.77 23.93 -15.63
CA GLY A 251 16.59 23.31 -16.66
C GLY A 251 17.61 22.31 -16.14
N LEU A 252 17.13 21.33 -15.37
CA LEU A 252 18.02 20.35 -14.76
C LEU A 252 17.77 18.93 -15.25
N GLU A 253 16.96 18.82 -16.31
CA GLU A 253 16.68 17.53 -16.95
C GLU A 253 18.00 16.86 -17.35
N GLY A 254 18.25 15.69 -16.77
CA GLY A 254 19.46 14.93 -17.06
C GLY A 254 20.53 15.06 -15.99
N GLN A 255 20.45 16.11 -15.19
CA GLN A 255 21.41 16.33 -14.11
C GLN A 255 20.93 15.80 -12.76
N ILE A 256 19.65 15.45 -12.67
CA ILE A 256 19.08 14.87 -11.45
C ILE A 256 19.05 13.35 -11.56
N ASP A 257 19.63 12.71 -10.55
CA ASP A 257 19.76 11.26 -10.49
C ASP A 257 18.41 10.55 -10.28
N PHE A 258 17.71 10.92 -9.21
CA PHE A 258 16.41 10.32 -8.88
C PHE A 258 15.35 11.38 -8.58
N VAL A 259 14.16 11.18 -9.14
CA VAL A 259 13.00 12.00 -8.82
C VAL A 259 11.95 11.12 -8.13
N VAL A 260 11.68 11.42 -6.86
CA VAL A 260 10.66 10.72 -6.10
C VAL A 260 9.35 11.50 -6.22
N GLY A 261 8.24 10.89 -5.85
CA GLY A 261 6.93 11.55 -5.86
C GLY A 261 5.82 10.66 -5.35
N THR A 262 4.62 11.24 -5.20
CA THR A 262 3.45 10.47 -4.75
C THR A 262 2.20 10.68 -5.62
N PHE A 263 1.33 9.67 -5.65
CA PHE A 263 0.09 9.76 -6.40
C PHE A 263 -1.00 10.52 -5.66
N SER A 264 -0.75 10.86 -4.38
CA SER A 264 -1.72 11.57 -3.53
C SER A 264 -2.09 12.95 -4.05
N LYS A 265 -1.09 13.74 -4.42
CA LYS A 265 -1.32 15.15 -4.73
C LYS A 265 -1.95 15.44 -6.10
N SER A 266 -1.23 15.22 -7.19
CA SER A 266 -1.75 15.59 -8.50
C SER A 266 -2.45 14.40 -9.13
N VAL A 267 -1.79 13.24 -9.09
CA VAL A 267 -2.30 12.02 -9.70
C VAL A 267 -3.69 11.67 -9.16
N GLY A 268 -3.79 11.49 -7.85
CA GLY A 268 -5.09 11.36 -7.21
C GLY A 268 -5.43 9.95 -6.81
N THR A 269 -4.48 9.27 -6.18
CA THR A 269 -4.68 7.90 -5.73
C THR A 269 -3.58 7.49 -4.76
N VAL A 270 -3.69 6.27 -4.22
CA VAL A 270 -2.70 5.77 -3.29
C VAL A 270 -1.41 5.44 -4.05
N GLY A 271 -0.29 5.36 -3.33
CA GLY A 271 0.97 4.93 -3.93
C GLY A 271 1.94 6.04 -4.26
N GLY A 272 3.17 5.65 -4.57
CA GLY A 272 4.24 6.57 -4.94
C GLY A 272 5.17 5.95 -5.97
N PHE A 273 6.24 6.67 -6.30
CA PHE A 273 7.14 6.26 -7.38
C PHE A 273 8.53 6.89 -7.30
N VAL A 274 9.51 6.25 -7.93
CA VAL A 274 10.81 6.86 -8.21
C VAL A 274 11.02 6.77 -9.71
N VAL A 275 11.66 7.79 -10.29
CA VAL A 275 12.12 7.70 -11.69
C VAL A 275 13.59 8.04 -11.79
N SER A 276 14.27 7.41 -12.75
CA SER A 276 15.71 7.58 -12.92
C SER A 276 16.11 7.33 -14.36
N ASN A 277 17.35 7.70 -14.68
CA ASN A 277 17.99 7.34 -15.95
C ASN A 277 19.24 6.52 -15.69
N HIS A 278 19.47 6.19 -14.42
CA HIS A 278 20.57 5.34 -14.01
C HIS A 278 20.43 3.97 -14.66
N PRO A 279 21.47 3.52 -15.42
CA PRO A 279 21.43 2.21 -16.07
C PRO A 279 21.09 1.08 -15.09
N LYS A 280 21.75 1.08 -13.92
CA LYS A 280 21.54 0.05 -12.90
C LYS A 280 20.25 0.18 -12.08
N PHE A 281 19.43 1.17 -12.44
CA PHE A 281 18.19 1.48 -11.71
C PHE A 281 17.12 0.47 -12.13
N GLU A 282 17.41 -0.80 -11.88
CA GLU A 282 16.40 -1.84 -11.97
C GLU A 282 16.68 -2.75 -10.80
N ALA A 283 17.96 -2.77 -10.39
CA ALA A 283 18.42 -3.48 -9.20
C ALA A 283 17.63 -3.09 -7.96
N VAL A 284 17.29 -1.80 -7.86
CA VAL A 284 16.51 -1.26 -6.75
C VAL A 284 15.30 -2.13 -6.43
N ARG A 285 14.55 -2.51 -7.45
CA ARG A 285 13.39 -3.40 -7.32
C ARG A 285 13.65 -4.60 -6.40
N LEU A 286 14.89 -5.07 -6.38
CA LEU A 286 15.23 -6.29 -5.65
C LEU A 286 15.94 -5.99 -4.32
N ALA A 287 15.83 -4.74 -3.86
CA ALA A 287 16.55 -4.26 -2.67
C ALA A 287 16.10 -4.98 -1.41
N CYS A 288 17.06 -5.50 -0.68
CA CYS A 288 16.89 -6.54 0.35
C CYS A 288 15.59 -6.44 1.14
N ARG A 289 15.25 -5.23 1.57
CA ARG A 289 14.01 -5.02 2.30
C ARG A 289 12.99 -4.09 1.61
N PRO A 290 13.42 -2.91 1.14
CA PRO A 290 12.50 -1.89 0.62
C PRO A 290 12.10 -2.04 -0.86
N TYR A 291 11.61 -2.92 -1.48
CA TYR A 291 10.51 -3.34 -2.38
C TYR A 291 10.12 -4.82 -2.48
N ILE A 292 10.89 -5.68 -1.78
CA ILE A 292 10.39 -7.02 -1.44
C ILE A 292 9.61 -7.04 -0.12
N PHE A 293 8.98 -5.89 0.09
CA PHE A 293 7.71 -5.66 0.76
C PHE A 293 6.88 -4.57 0.05
N THR A 294 6.45 -4.88 -1.17
CA THR A 294 5.62 -3.99 -1.98
C THR A 294 4.49 -4.88 -2.47
N ALA A 295 3.30 -4.30 -2.62
CA ALA A 295 2.16 -5.02 -3.15
C ALA A 295 1.84 -4.54 -4.56
N SER A 296 1.16 -5.38 -5.32
CA SER A 296 0.66 -4.94 -6.62
C SER A 296 -0.70 -4.30 -6.38
N LEU A 297 -0.87 -3.11 -6.92
CA LEU A 297 -2.08 -2.33 -6.74
C LEU A 297 -3.22 -2.94 -7.56
N PRO A 298 -4.47 -2.81 -7.07
CA PRO A 298 -5.61 -3.43 -7.74
C PRO A 298 -5.96 -2.72 -9.06
N PRO A 299 -6.62 -3.45 -9.99
CA PRO A 299 -6.99 -2.98 -11.32
C PRO A 299 -7.47 -1.53 -11.39
N SER A 300 -8.36 -1.12 -10.49
CA SER A 300 -8.93 0.23 -10.55
C SER A 300 -7.94 1.31 -10.17
N VAL A 301 -7.12 1.05 -9.15
CA VAL A 301 -6.06 1.98 -8.76
C VAL A 301 -5.09 2.24 -9.91
N VAL A 302 -4.59 1.18 -10.53
CA VAL A 302 -3.63 1.28 -11.62
C VAL A 302 -4.23 2.02 -12.80
N ALA A 303 -5.47 1.66 -13.13
CA ALA A 303 -6.18 2.21 -14.29
C ALA A 303 -6.32 3.70 -14.11
N THR A 304 -6.86 4.09 -12.96
CA THR A 304 -7.01 5.50 -12.59
C THR A 304 -5.67 6.23 -12.66
N ALA A 305 -4.65 5.71 -11.99
CA ALA A 305 -3.33 6.35 -11.98
C ALA A 305 -2.80 6.58 -13.40
N THR A 306 -2.81 5.54 -14.22
CA THR A 306 -2.35 5.60 -15.60
C THR A 306 -3.10 6.70 -16.35
N THR A 307 -4.42 6.57 -16.44
CA THR A 307 -5.26 7.57 -17.08
C THR A 307 -4.90 8.97 -16.56
N SER A 308 -4.90 9.13 -15.25
CA SER A 308 -4.59 10.41 -14.64
C SER A 308 -3.22 10.93 -15.10
N ILE A 309 -2.21 10.07 -15.04
CA ILE A 309 -0.83 10.45 -15.41
C ILE A 309 -0.73 10.86 -16.88
N ARG A 310 -1.39 10.11 -17.75
CA ARG A 310 -1.38 10.42 -19.17
C ARG A 310 -2.10 11.72 -19.46
N LYS A 311 -3.19 11.96 -18.75
CA LYS A 311 -3.94 13.20 -18.91
C LYS A 311 -3.14 14.41 -18.45
N LEU A 312 -2.35 14.22 -17.39
CA LEU A 312 -1.49 15.26 -16.82
C LEU A 312 -0.40 15.75 -17.78
N MET A 313 -0.21 15.02 -18.87
CA MET A 313 0.73 15.43 -19.92
C MET A 313 0.14 16.49 -20.85
N THR A 314 -1.19 16.62 -20.86
CA THR A 314 -1.89 17.49 -21.80
C THR A 314 -2.83 18.49 -21.13
N ALA A 315 -2.93 18.44 -19.80
CA ALA A 315 -3.93 19.23 -19.09
C ALA A 315 -3.50 20.69 -19.00
N HIS A 316 -3.39 21.33 -20.17
CA HIS A 316 -2.94 22.71 -20.28
C HIS A 316 -3.92 23.69 -19.64
N GLU A 317 -5.22 23.46 -19.86
CA GLU A 317 -6.26 24.33 -19.29
C GLU A 317 -6.26 24.25 -17.77
N LYS A 318 -6.21 23.04 -17.22
CA LYS A 318 -6.08 22.85 -15.78
C LYS A 318 -4.86 23.58 -15.24
N ARG A 319 -3.74 23.44 -15.93
CA ARG A 319 -2.50 24.08 -15.52
C ARG A 319 -2.59 25.61 -15.52
N GLU A 320 -3.26 26.17 -16.53
CA GLU A 320 -3.46 27.62 -16.59
C GLU A 320 -4.47 28.08 -15.55
N ARG A 321 -5.48 27.27 -15.27
CA ARG A 321 -6.45 27.59 -14.22
C ARG A 321 -5.85 27.54 -12.82
N LEU A 322 -5.06 26.50 -12.55
CA LEU A 322 -4.36 26.36 -11.27
C LEU A 322 -3.55 27.60 -10.90
N TRP A 323 -2.76 28.10 -11.84
CA TRP A 323 -1.93 29.27 -11.58
C TRP A 323 -2.74 30.56 -11.41
N SER A 324 -3.74 30.77 -12.26
CA SER A 324 -4.64 31.92 -12.10
C SER A 324 -5.20 31.92 -10.68
N ASN A 325 -5.84 30.82 -10.30
CA ASN A 325 -6.38 30.67 -8.96
C ASN A 325 -5.35 30.95 -7.86
N ALA A 326 -4.17 30.35 -7.99
CA ALA A 326 -3.07 30.55 -7.07
C ALA A 326 -2.67 32.02 -6.95
N ARG A 327 -2.48 32.67 -8.10
CA ARG A 327 -2.05 34.06 -8.13
C ARG A 327 -3.15 35.00 -7.66
N ALA A 328 -4.39 34.75 -8.07
CA ALA A 328 -5.54 35.52 -7.64
C ALA A 328 -5.63 35.52 -6.12
N LEU A 329 -5.53 34.33 -5.52
CA LEU A 329 -5.61 34.18 -4.08
C LEU A 329 -4.44 34.86 -3.35
N HIS A 330 -3.23 34.58 -3.82
CA HIS A 330 -2.02 35.11 -3.22
C HIS A 330 -2.04 36.63 -3.18
N GLY A 331 -2.22 37.24 -4.36
CA GLY A 331 -2.32 38.69 -4.49
C GLY A 331 -3.44 39.26 -3.64
N GLY A 332 -4.61 38.63 -3.73
CA GLY A 332 -5.80 39.06 -2.99
C GLY A 332 -5.61 39.12 -1.48
N LEU A 333 -5.18 38.00 -0.89
CA LEU A 333 -4.89 37.95 0.55
C LEU A 333 -3.82 38.96 0.98
N LYS A 334 -2.81 39.14 0.12
CA LYS A 334 -1.72 40.08 0.38
C LYS A 334 -2.23 41.52 0.44
N ALA A 335 -3.11 41.87 -0.50
CA ALA A 335 -3.68 43.22 -0.60
C ALA A 335 -4.64 43.55 0.54
N MET A 336 -4.92 42.57 1.39
CA MET A 336 -5.73 42.75 2.59
C MET A 336 -4.84 42.95 3.81
N GLY A 337 -3.54 42.75 3.63
CA GLY A 337 -2.58 42.95 4.71
C GLY A 337 -2.26 41.72 5.52
N PHE A 338 -2.39 40.53 4.92
CA PHE A 338 -2.01 39.28 5.56
C PHE A 338 -0.52 39.03 5.37
N ARG A 339 0.12 38.44 6.38
CA ARG A 339 1.52 38.04 6.24
C ARG A 339 1.56 36.64 5.59
N LEU A 340 2.01 36.59 4.34
CA LEU A 340 2.08 35.33 3.63
C LEU A 340 3.48 34.75 3.73
N GLY A 341 3.61 33.46 3.44
CA GLY A 341 4.90 32.77 3.50
C GLY A 341 5.89 33.20 2.43
N THR A 342 5.37 33.79 1.36
CA THR A 342 6.16 34.17 0.20
C THR A 342 5.64 35.49 -0.33
N GLU A 343 6.54 36.36 -0.81
CA GLU A 343 6.12 37.64 -1.38
C GLU A 343 5.46 37.46 -2.74
N THR A 344 6.00 36.55 -3.54
CA THR A 344 5.45 36.26 -4.86
C THR A 344 4.76 34.90 -4.84
N CYS A 345 3.74 34.74 -5.67
CA CYS A 345 3.08 33.44 -5.83
C CYS A 345 4.02 32.46 -6.54
N ASP A 346 4.60 31.55 -5.77
CA ASP A 346 5.65 30.64 -6.27
C ASP A 346 5.15 29.22 -6.55
N SER A 347 4.02 28.86 -5.94
CA SER A 347 3.47 27.52 -6.01
C SER A 347 1.97 27.54 -5.73
N ALA A 348 1.35 26.37 -5.70
CA ALA A 348 -0.07 26.25 -5.46
C ALA A 348 -0.41 26.33 -3.97
N ILE A 349 0.60 26.33 -3.10
CA ILE A 349 0.36 26.52 -1.67
C ILE A 349 0.48 28.01 -1.30
N VAL A 350 -0.56 28.52 -0.66
CA VAL A 350 -0.56 29.87 -0.13
C VAL A 350 -0.76 29.77 1.38
N ALA A 351 0.29 30.11 2.12
CA ALA A 351 0.27 30.01 3.58
C ALA A 351 0.14 31.38 4.23
N VAL A 352 -0.89 31.55 5.05
CA VAL A 352 -1.07 32.74 5.87
C VAL A 352 -0.39 32.54 7.22
N MET A 353 0.52 33.46 7.55
CA MET A 353 1.28 33.40 8.80
C MET A 353 0.61 34.21 9.89
N LEU A 354 0.45 33.57 11.05
CA LEU A 354 -0.07 34.20 12.25
C LEU A 354 0.95 33.96 13.36
N GLU A 355 0.91 34.79 14.40
CA GLU A 355 1.95 34.76 15.43
C GLU A 355 1.48 34.21 16.77
N ASP A 356 0.21 33.81 16.83
CA ASP A 356 -0.43 33.39 18.07
C ASP A 356 -1.23 32.12 17.83
N GLN A 357 -0.94 31.08 18.61
CA GLN A 357 -1.60 29.78 18.44
C GLN A 357 -3.11 29.89 18.56
N GLU A 358 -3.54 30.58 19.62
CA GLU A 358 -4.95 30.79 19.94
C GLU A 358 -5.64 31.54 18.81
N GLN A 359 -5.05 32.67 18.39
CA GLN A 359 -5.57 33.45 17.28
C GLN A 359 -5.70 32.61 16.01
N ALA A 360 -4.67 31.84 15.69
CA ALA A 360 -4.67 30.92 14.54
C ALA A 360 -5.80 29.91 14.64
N ALA A 361 -5.93 29.30 15.82
CA ALA A 361 -6.97 28.31 16.07
C ALA A 361 -8.37 28.87 15.85
N MET A 362 -8.60 30.07 16.37
CA MET A 362 -9.90 30.73 16.28
C MET A 362 -10.27 31.12 14.85
N MET A 363 -9.29 31.62 14.10
CA MET A 363 -9.55 32.00 12.73
C MET A 363 -9.90 30.78 11.89
N TRP A 364 -9.18 29.68 12.09
CA TRP A 364 -9.51 28.43 11.43
C TRP A 364 -10.95 28.07 11.73
N GLN A 365 -11.32 28.10 13.01
CA GLN A 365 -12.69 27.83 13.43
C GLN A 365 -13.69 28.71 12.69
N ALA A 366 -13.42 30.02 12.67
CA ALA A 366 -14.24 31.01 11.98
C ALA A 366 -14.38 30.69 10.49
N LEU A 367 -13.24 30.44 9.85
CA LEU A 367 -13.23 30.08 8.45
C LEU A 367 -14.08 28.84 8.19
N LEU A 368 -13.95 27.83 9.04
CA LEU A 368 -14.69 26.59 8.85
C LEU A 368 -16.18 26.82 8.97
N ASP A 369 -16.56 27.57 10.00
CA ASP A 369 -17.96 27.94 10.24
C ASP A 369 -18.53 28.74 9.08
N GLY A 370 -17.70 29.62 8.53
CA GLY A 370 -18.06 30.46 7.38
C GLY A 370 -18.23 29.70 6.07
N GLY A 371 -17.75 28.45 6.04
CA GLY A 371 -17.89 27.58 4.88
C GLY A 371 -16.61 27.37 4.09
N LEU A 372 -15.47 27.43 4.78
CA LEU A 372 -14.18 27.21 4.14
C LEU A 372 -13.30 26.29 4.98
N TYR A 373 -12.68 25.32 4.32
CA TYR A 373 -11.73 24.43 4.98
C TYR A 373 -10.31 24.64 4.46
N VAL A 374 -9.42 25.01 5.37
CA VAL A 374 -8.00 25.18 5.06
C VAL A 374 -7.16 24.38 6.05
N ASN A 375 -5.87 24.27 5.80
CA ASN A 375 -4.97 23.55 6.71
C ASN A 375 -4.49 24.41 7.86
N MET A 376 -4.34 23.78 9.01
CA MET A 376 -3.70 24.37 10.18
C MET A 376 -2.34 23.74 10.33
N ALA A 377 -1.32 24.57 10.47
CA ALA A 377 0.03 24.07 10.72
C ALA A 377 0.53 24.69 12.01
N ARG A 378 1.14 23.85 12.83
CA ARG A 378 1.84 24.30 14.01
C ARG A 378 3.09 23.52 14.25
N PRO A 379 4.10 24.17 14.82
CA PRO A 379 5.25 23.55 15.39
C PRO A 379 4.71 22.48 16.27
N PRO A 380 5.05 21.21 16.07
CA PRO A 380 6.33 20.63 15.77
C PRO A 380 6.58 20.87 14.29
N ALA A 381 5.59 21.10 13.43
CA ALA A 381 5.90 21.13 11.99
C ALA A 381 6.46 22.47 11.49
N THR A 382 6.29 23.51 12.30
CA THR A 382 6.73 24.87 11.94
C THR A 382 7.73 25.40 13.01
N PRO A 383 8.48 26.48 12.69
CA PRO A 383 9.29 27.07 13.77
C PRO A 383 8.38 27.57 14.88
N ALA A 384 8.76 27.35 16.14
CA ALA A 384 7.92 27.77 17.26
C ALA A 384 7.53 29.23 17.08
N GLY A 385 6.30 29.56 17.45
CA GLY A 385 5.79 30.92 17.26
C GLY A 385 5.37 31.20 15.83
N THR A 386 5.42 30.16 14.99
CA THR A 386 4.94 30.21 13.62
C THR A 386 3.74 29.30 13.47
N PHE A 387 2.60 29.91 13.18
CA PHE A 387 1.35 29.19 13.02
C PHE A 387 0.81 29.56 11.65
N LEU A 388 0.49 28.54 10.86
CA LEU A 388 0.10 28.74 9.48
C LEU A 388 -1.32 28.30 9.20
N LEU A 389 -2.00 29.09 8.40
CA LEU A 389 -3.23 28.66 7.73
C LEU A 389 -2.83 28.45 6.29
N ARG A 390 -2.92 27.21 5.83
CA ARG A 390 -2.35 26.84 4.56
C ARG A 390 -3.42 26.50 3.54
N CYS A 391 -3.48 27.32 2.50
CA CYS A 391 -4.39 27.13 1.40
C CYS A 391 -3.69 26.36 0.30
N SER A 392 -4.39 25.38 -0.27
CA SER A 392 -3.84 24.61 -1.37
C SER A 392 -4.81 24.67 -2.54
N ILE A 393 -4.36 25.34 -3.60
CA ILE A 393 -5.21 25.65 -4.72
C ILE A 393 -5.53 24.41 -5.55
N CYS A 394 -6.70 24.43 -6.17
CA CYS A 394 -7.12 23.36 -7.06
C CYS A 394 -7.38 23.95 -8.44
N ALA A 395 -6.97 23.22 -9.47
CA ALA A 395 -7.21 23.60 -10.86
C ALA A 395 -8.70 23.64 -11.16
N GLU A 396 -9.51 23.04 -10.29
CA GLU A 396 -10.96 23.00 -10.47
C GLU A 396 -11.73 24.07 -9.69
N HIS A 397 -11.03 24.86 -8.88
CA HIS A 397 -11.63 26.04 -8.23
C HIS A 397 -12.03 27.05 -9.30
N THR A 398 -13.27 27.52 -9.24
CA THR A 398 -13.72 28.56 -10.15
C THR A 398 -13.22 29.94 -9.68
N PRO A 399 -13.05 30.91 -10.60
CA PRO A 399 -12.69 32.28 -10.18
C PRO A 399 -13.66 32.86 -9.15
N ALA A 400 -14.93 32.47 -9.23
CA ALA A 400 -15.96 32.87 -8.28
C ALA A 400 -15.65 32.34 -6.88
N GLN A 401 -15.29 31.07 -6.79
CA GLN A 401 -14.92 30.45 -5.52
C GLN A 401 -13.75 31.18 -4.87
N ILE A 402 -12.72 31.48 -5.66
CA ILE A 402 -11.56 32.20 -5.17
C ILE A 402 -11.97 33.56 -4.61
N GLN A 403 -12.92 34.22 -5.27
CA GLN A 403 -13.49 35.48 -4.77
C GLN A 403 -14.20 35.30 -3.44
N THR A 404 -15.00 34.24 -3.33
CA THR A 404 -15.68 33.87 -2.09
C THR A 404 -14.66 33.56 -0.98
N VAL A 405 -13.59 32.85 -1.32
CA VAL A 405 -12.51 32.57 -0.38
C VAL A 405 -11.92 33.87 0.18
N LEU A 406 -11.60 34.80 -0.72
CA LEU A 406 -11.06 36.09 -0.33
C LEU A 406 -12.01 36.84 0.61
N GLY A 407 -13.29 36.87 0.26
CA GLY A 407 -14.32 37.46 1.11
C GLY A 407 -14.34 36.83 2.49
N MET A 408 -14.22 35.52 2.53
CA MET A 408 -14.25 34.77 3.78
C MET A 408 -13.05 35.08 4.66
N PHE A 409 -11.85 35.02 4.07
CA PHE A 409 -10.61 35.37 4.75
C PHE A 409 -10.65 36.81 5.29
N GLN A 410 -11.23 37.72 4.52
CA GLN A 410 -11.42 39.09 4.98
C GLN A 410 -12.32 39.07 6.21
N ALA A 411 -13.55 38.59 6.03
CA ALA A 411 -14.53 38.53 7.13
C ALA A 411 -13.94 37.93 8.41
N ALA A 412 -13.38 36.72 8.29
CA ALA A 412 -12.79 36.02 9.43
C ALA A 412 -11.63 36.79 10.07
N GLY A 413 -10.67 37.21 9.25
CA GLY A 413 -9.47 37.90 9.71
C GLY A 413 -9.77 39.16 10.49
N ARG A 414 -10.74 39.92 10.00
CA ARG A 414 -11.25 41.10 10.67
C ARG A 414 -11.80 40.70 12.03
N ALA A 415 -12.80 39.82 12.05
CA ALA A 415 -13.43 39.38 13.29
C ALA A 415 -12.43 38.95 14.38
N VAL A 416 -11.40 38.23 13.98
CA VAL A 416 -10.43 37.68 14.93
C VAL A 416 -9.39 38.73 15.39
N GLY A 417 -9.02 39.64 14.48
CA GLY A 417 -8.07 40.70 14.81
C GLY A 417 -6.74 40.59 14.07
N VAL A 418 -6.71 39.78 13.02
CA VAL A 418 -5.50 39.57 12.22
C VAL A 418 -5.27 40.71 11.23
N ILE A 419 -6.35 41.42 10.89
CA ILE A 419 -6.33 42.56 9.96
C ILE A 419 -7.34 43.61 10.43
N GLU B 45 12.44 -15.93 -18.34
CA GLU B 45 10.96 -15.75 -18.22
C GLU B 45 10.29 -17.07 -17.80
N PRO B 46 10.45 -17.45 -16.52
CA PRO B 46 10.41 -18.85 -16.07
C PRO B 46 9.11 -19.62 -16.34
N PHE B 47 8.07 -19.19 -15.62
CA PHE B 47 6.78 -19.82 -15.57
C PHE B 47 5.85 -18.63 -15.52
N ALA B 48 6.27 -17.57 -16.22
CA ALA B 48 5.59 -16.30 -16.23
C ALA B 48 4.17 -16.47 -16.78
N ILE B 49 3.19 -16.22 -15.91
CA ILE B 49 1.81 -16.32 -16.29
C ILE B 49 1.19 -14.93 -16.39
N VAL B 50 0.88 -14.55 -17.63
CA VAL B 50 0.20 -13.30 -17.93
C VAL B 50 -1.21 -13.61 -18.42
N MET B 51 -2.21 -13.09 -17.72
CA MET B 51 -3.61 -13.39 -18.04
C MET B 51 -4.26 -12.24 -18.81
N GLU B 52 -4.27 -12.37 -20.14
CA GLU B 52 -4.72 -11.28 -21.03
C GLU B 52 -6.21 -10.93 -20.89
N GLN B 53 -7.07 -11.95 -20.90
CA GLN B 53 -8.51 -11.73 -20.79
C GLN B 53 -9.10 -12.61 -19.69
N VAL B 54 -9.72 -12.00 -18.68
CA VAL B 54 -10.22 -12.77 -17.53
C VAL B 54 -11.75 -12.86 -17.51
N LYS B 55 -12.26 -14.03 -17.91
CA LYS B 55 -13.71 -14.28 -17.93
C LYS B 55 -14.33 -14.26 -16.54
N SER B 56 -13.68 -14.95 -15.60
CA SER B 56 -14.23 -15.16 -14.26
C SER B 56 -13.09 -15.48 -13.26
N PRO B 57 -13.43 -15.79 -11.99
CA PRO B 57 -12.40 -16.18 -11.03
C PRO B 57 -11.71 -17.51 -11.34
N THR B 58 -12.34 -18.34 -12.17
CA THR B 58 -11.84 -19.69 -12.42
C THR B 58 -11.34 -19.92 -13.85
N GLU B 59 -11.55 -18.94 -14.72
CA GLU B 59 -11.04 -19.05 -16.10
C GLU B 59 -10.58 -17.73 -16.70
N ALA B 60 -9.48 -17.81 -17.44
CA ALA B 60 -8.93 -16.69 -18.17
C ALA B 60 -8.23 -17.18 -19.45
N VAL B 61 -7.73 -16.25 -20.25
CA VAL B 61 -7.00 -16.60 -21.46
C VAL B 61 -5.50 -16.40 -21.23
N ILE B 62 -4.76 -17.51 -21.23
CA ILE B 62 -3.32 -17.49 -21.04
C ILE B 62 -2.64 -18.02 -22.30
N ARG B 63 -1.70 -17.24 -22.85
CA ARG B 63 -0.99 -17.57 -24.10
C ARG B 63 -1.95 -18.02 -25.22
N GLY B 64 -3.07 -17.31 -25.34
CA GLY B 64 -4.04 -17.56 -26.40
C GLY B 64 -4.98 -18.73 -26.18
N LYS B 65 -4.86 -19.38 -25.03
CA LYS B 65 -5.70 -20.55 -24.70
C LYS B 65 -6.69 -20.23 -23.59
N ASP B 66 -7.92 -20.68 -23.75
CA ASP B 66 -8.88 -20.71 -22.64
C ASP B 66 -8.33 -21.66 -21.59
N THR B 67 -8.05 -21.12 -20.41
CA THR B 67 -7.35 -21.85 -19.36
C THR B 67 -8.14 -21.78 -18.06
N ILE B 68 -8.32 -22.94 -17.43
CA ILE B 68 -8.87 -22.98 -16.09
C ILE B 68 -7.80 -22.53 -15.10
N LEU B 69 -8.19 -21.62 -14.20
CA LEU B 69 -7.30 -21.10 -13.18
C LEU B 69 -7.38 -21.96 -11.91
N LEU B 70 -6.25 -22.48 -11.50
CA LEU B 70 -6.17 -23.36 -10.36
C LEU B 70 -4.86 -23.16 -9.58
N GLY B 71 -4.23 -22.01 -9.79
CA GLY B 71 -3.00 -21.66 -9.08
C GLY B 71 -2.98 -20.27 -8.47
N THR B 72 -4.15 -19.68 -8.27
CA THR B 72 -4.29 -18.38 -7.60
C THR B 72 -4.89 -18.63 -6.22
N TYR B 73 -4.95 -17.62 -5.36
CA TYR B 73 -5.48 -17.85 -4.02
C TYR B 73 -6.83 -17.22 -3.76
N ASN B 74 -7.58 -16.96 -4.83
CA ASN B 74 -8.89 -16.35 -4.73
C ASN B 74 -9.93 -17.35 -4.20
N TYR B 75 -9.71 -17.85 -2.98
CA TYR B 75 -10.47 -18.99 -2.46
C TYR B 75 -11.98 -18.90 -2.64
N MET B 76 -12.56 -17.76 -2.25
CA MET B 76 -14.00 -17.58 -2.21
C MET B 76 -14.54 -16.84 -3.44
N GLY B 77 -13.66 -16.60 -4.40
CA GLY B 77 -14.03 -16.00 -5.69
C GLY B 77 -14.54 -14.59 -5.61
N MET B 78 -14.20 -13.90 -4.53
CA MET B 78 -14.76 -12.57 -4.21
C MET B 78 -14.38 -11.46 -5.19
N THR B 79 -13.25 -11.64 -5.88
CA THR B 79 -12.73 -10.64 -6.81
C THR B 79 -13.74 -10.22 -7.87
N PHE B 80 -14.67 -11.13 -8.20
CA PHE B 80 -15.71 -10.86 -9.20
C PHE B 80 -17.12 -10.91 -8.63
N ASP B 81 -17.25 -10.92 -7.31
CA ASP B 81 -18.56 -10.94 -6.68
C ASP B 81 -19.33 -9.69 -7.07
N PRO B 82 -20.52 -9.87 -7.67
CA PRO B 82 -21.35 -8.78 -8.18
C PRO B 82 -21.54 -7.61 -7.19
N ASP B 83 -21.80 -7.93 -5.92
CA ASP B 83 -22.00 -6.90 -4.89
C ASP B 83 -20.72 -6.15 -4.62
N VAL B 84 -19.59 -6.87 -4.70
CA VAL B 84 -18.26 -6.31 -4.43
C VAL B 84 -17.90 -5.27 -5.49
N ILE B 85 -17.99 -5.67 -6.76
CA ILE B 85 -17.82 -4.78 -7.90
C ILE B 85 -18.70 -3.52 -7.77
N ALA B 86 -19.98 -3.73 -7.49
CA ALA B 86 -20.94 -2.64 -7.34
C ALA B 86 -20.51 -1.62 -6.28
N ALA B 87 -20.16 -2.13 -5.10
CA ALA B 87 -19.65 -1.31 -4.00
C ALA B 87 -18.43 -0.52 -4.44
N GLY B 88 -17.50 -1.19 -5.14
CA GLY B 88 -16.30 -0.57 -5.65
C GLY B 88 -16.60 0.54 -6.61
N LYS B 89 -17.53 0.28 -7.53
CA LYS B 89 -17.95 1.27 -8.53
C LYS B 89 -18.64 2.46 -7.90
N GLU B 90 -19.52 2.19 -6.94
CA GLU B 90 -20.24 3.27 -6.26
C GLU B 90 -19.27 4.17 -5.54
N ALA B 91 -18.37 3.57 -4.77
CA ALA B 91 -17.35 4.30 -4.02
C ALA B 91 -16.50 5.18 -4.93
N LEU B 92 -16.18 4.64 -6.10
CA LEU B 92 -15.45 5.38 -7.11
C LEU B 92 -16.26 6.61 -7.56
N GLU B 93 -17.53 6.37 -7.87
CA GLU B 93 -18.45 7.41 -8.35
C GLU B 93 -18.73 8.50 -7.31
N LYS B 94 -18.93 8.09 -6.06
CA LYS B 94 -19.29 9.01 -4.99
C LYS B 94 -18.08 9.73 -4.40
N PHE B 95 -16.98 9.00 -4.20
CA PHE B 95 -15.84 9.55 -3.46
C PHE B 95 -14.58 9.81 -4.28
N GLY B 96 -14.59 9.42 -5.55
CA GLY B 96 -13.47 9.65 -6.44
C GLY B 96 -12.39 8.60 -6.31
N SER B 97 -11.24 8.88 -6.90
CA SER B 97 -10.15 7.92 -7.01
C SER B 97 -9.30 7.80 -5.75
N GLY B 98 -9.14 8.91 -5.03
CA GLY B 98 -8.43 8.90 -3.75
C GLY B 98 -8.99 9.94 -2.80
N THR B 99 -8.52 9.89 -1.55
CA THR B 99 -8.87 10.88 -0.50
C THR B 99 -7.55 11.33 0.14
N ASN B 100 -7.64 12.18 1.17
CA ASN B 100 -6.51 12.44 2.07
C ASN B 100 -6.53 11.69 3.41
N GLY B 101 -5.49 11.89 4.22
CA GLY B 101 -5.28 11.11 5.45
C GLY B 101 -6.37 11.06 6.51
N SER B 102 -6.86 12.24 6.92
CA SER B 102 -7.74 12.40 8.11
C SER B 102 -7.54 11.48 9.35
N ARG B 103 -6.38 11.72 10.01
CA ARG B 103 -5.86 10.83 11.06
C ARG B 103 -6.64 10.60 12.37
N MET B 104 -7.30 11.64 12.87
CA MET B 104 -8.10 11.59 14.12
C MET B 104 -7.38 11.13 15.43
N LEU B 105 -6.35 11.87 15.83
CA LEU B 105 -5.68 11.68 17.13
C LEU B 105 -5.08 10.31 17.45
N ASN B 106 -5.30 9.33 16.58
CA ASN B 106 -4.69 8.00 16.74
C ASN B 106 -4.57 7.35 15.37
N GLY B 107 -3.67 6.37 15.25
CA GLY B 107 -3.39 5.74 13.97
C GLY B 107 -4.59 5.01 13.38
N THR B 108 -5.73 5.68 13.36
CA THR B 108 -6.93 5.21 12.68
C THR B 108 -7.12 6.20 11.56
N PHE B 109 -6.87 5.77 10.32
CA PHE B 109 -7.17 6.66 9.20
C PHE B 109 -8.64 6.50 8.90
N HIS B 110 -9.34 7.63 8.78
CA HIS B 110 -10.81 7.66 8.77
C HIS B 110 -11.47 6.73 7.75
N ASP B 111 -10.77 6.45 6.66
CA ASP B 111 -11.27 5.61 5.59
C ASP B 111 -11.18 4.11 5.88
N HIS B 112 -10.45 3.76 6.95
CA HIS B 112 -10.31 2.37 7.35
C HIS B 112 -11.32 1.97 8.41
N MET B 113 -11.89 2.96 9.08
CA MET B 113 -12.83 2.73 10.18
C MET B 113 -13.92 1.72 9.83
N GLU B 114 -14.50 1.87 8.64
CA GLU B 114 -15.57 0.99 8.21
C GLU B 114 -15.06 -0.44 7.97
N VAL B 115 -13.99 -0.58 7.21
CA VAL B 115 -13.39 -1.90 6.93
C VAL B 115 -12.89 -2.54 8.22
N GLU B 116 -12.38 -1.74 9.15
CA GLU B 116 -11.93 -2.23 10.45
C GLU B 116 -13.07 -2.72 11.32
N GLN B 117 -14.25 -2.12 11.15
CA GLN B 117 -15.45 -2.57 11.83
C GLN B 117 -15.94 -3.92 11.26
N ALA B 118 -15.80 -4.10 9.95
CA ALA B 118 -16.16 -5.36 9.33
C ALA B 118 -15.33 -6.51 9.88
N LEU B 119 -14.07 -6.22 10.18
CA LEU B 119 -13.15 -7.21 10.74
C LEU B 119 -13.51 -7.57 12.18
N ARG B 120 -13.96 -6.55 12.91
CA ARG B 120 -14.42 -6.73 14.30
C ARG B 120 -15.61 -7.67 14.36
N ASP B 121 -16.58 -7.44 13.48
CA ASP B 121 -17.74 -8.30 13.34
C ASP B 121 -17.34 -9.71 12.89
N PHE B 122 -16.54 -9.78 11.83
CA PHE B 122 -16.10 -11.05 11.28
C PHE B 122 -15.40 -11.93 12.33
N TYR B 123 -14.45 -11.36 13.07
CA TYR B 123 -13.66 -12.14 14.01
C TYR B 123 -14.22 -12.11 15.44
N GLY B 124 -15.24 -11.28 15.66
CA GLY B 124 -15.84 -11.11 16.98
C GLY B 124 -14.86 -10.56 18.00
N THR B 125 -14.01 -9.62 17.59
CA THR B 125 -13.04 -9.02 18.51
C THR B 125 -13.34 -7.55 18.76
N THR B 126 -12.53 -6.91 19.61
CA THR B 126 -12.69 -5.48 19.88
C THR B 126 -11.62 -4.67 19.14
N GLY B 127 -10.52 -5.33 18.82
CA GLY B 127 -9.40 -4.69 18.13
C GLY B 127 -9.25 -5.15 16.70
N ALA B 128 -8.92 -4.21 15.82
CA ALA B 128 -8.75 -4.46 14.39
C ALA B 128 -7.95 -3.33 13.79
N ILE B 129 -6.80 -3.65 13.22
CA ILE B 129 -5.97 -2.65 12.55
C ILE B 129 -5.66 -3.08 11.11
N VAL B 130 -6.09 -2.26 10.15
CA VAL B 130 -5.86 -2.49 8.73
C VAL B 130 -4.54 -1.88 8.28
N PHE B 131 -3.83 -2.61 7.43
CA PHE B 131 -2.57 -2.15 6.87
C PHE B 131 -2.68 -1.96 5.35
N SER B 132 -1.87 -1.04 4.83
CA SER B 132 -1.84 -0.71 3.41
C SER B 132 -1.42 -1.87 2.54
N THR B 133 -0.54 -2.72 3.06
CA THR B 133 0.00 -3.84 2.31
C THR B 133 -0.03 -5.12 3.13
N GLY B 134 -0.06 -6.25 2.44
CA GLY B 134 -0.07 -7.56 3.10
C GLY B 134 1.10 -7.77 4.04
N TYR B 135 2.28 -7.34 3.62
CA TYR B 135 3.52 -7.59 4.36
C TYR B 135 3.66 -6.70 5.59
N MET B 136 3.20 -5.45 5.48
CA MET B 136 3.11 -4.53 6.63
C MET B 136 2.32 -5.17 7.77
N ALA B 137 1.53 -6.19 7.40
CA ALA B 137 0.81 -7.03 8.35
C ALA B 137 1.55 -8.35 8.56
N ASN B 138 1.90 -9.02 7.46
CA ASN B 138 2.55 -10.34 7.51
C ASN B 138 3.75 -10.46 8.45
N LEU B 139 4.75 -9.60 8.31
CA LEU B 139 5.95 -9.70 9.15
C LEU B 139 6.29 -8.31 9.68
N GLY B 140 5.66 -7.30 9.11
CA GLY B 140 5.75 -5.94 9.63
C GLY B 140 5.36 -5.94 11.10
N ILE B 141 4.21 -6.56 11.39
CA ILE B 141 3.64 -6.59 12.74
C ILE B 141 4.50 -7.35 13.77
N ILE B 142 5.22 -8.36 13.32
CA ILE B 142 6.04 -9.18 14.21
C ILE B 142 7.18 -8.35 14.80
N SER B 143 7.93 -7.68 13.92
CA SER B 143 9.03 -6.79 14.32
C SER B 143 8.51 -5.63 15.17
N THR B 144 7.22 -5.36 15.06
CA THR B 144 6.55 -4.31 15.85
C THR B 144 6.30 -4.77 17.28
N LEU B 145 5.89 -6.03 17.43
CA LEU B 145 5.52 -6.57 18.72
C LEU B 145 6.71 -7.10 19.51
N ALA B 146 7.80 -7.36 18.81
CA ALA B 146 9.06 -7.75 19.42
C ALA B 146 10.12 -6.69 19.18
N GLY B 149 15.85 -6.08 22.64
CA GLY B 149 16.16 -7.51 22.86
C GLY B 149 14.96 -8.29 23.37
N GLU B 150 14.48 -9.21 22.54
CA GLU B 150 13.33 -10.09 22.82
C GLU B 150 13.35 -11.28 21.86
N TYR B 151 12.59 -12.33 22.18
CA TYR B 151 12.63 -13.56 21.39
C TYR B 151 11.39 -13.77 20.51
N VAL B 152 11.64 -14.09 19.24
CA VAL B 152 10.58 -14.45 18.31
C VAL B 152 10.75 -15.92 17.94
N ILE B 153 9.76 -16.74 18.28
CA ILE B 153 9.81 -18.17 18.01
C ILE B 153 8.84 -18.53 16.88
N LEU B 154 9.40 -19.09 15.82
CA LEU B 154 8.64 -19.36 14.60
C LEU B 154 9.08 -20.65 13.90
N ASP B 155 8.14 -21.26 13.18
CA ASP B 155 8.41 -22.47 12.40
C ASP B 155 9.60 -22.27 11.46
N ALA B 156 10.39 -23.32 11.28
CA ALA B 156 11.57 -23.29 10.42
C ALA B 156 11.22 -23.02 8.95
N ASP B 157 10.05 -23.48 8.53
CA ASP B 157 9.58 -23.28 7.16
C ASP B 157 8.50 -22.20 7.12
N SER B 158 8.51 -21.29 8.09
CA SER B 158 7.46 -20.26 8.24
C SER B 158 7.25 -19.46 6.97
N GLY B 169 15.88 -6.99 13.35
CA GLY B 169 16.24 -6.02 14.40
C GLY B 169 15.41 -6.14 15.67
N ASN B 170 16.06 -5.80 16.79
CA ASN B 170 15.45 -5.76 18.13
C ASN B 170 14.79 -7.07 18.62
N ALA B 171 14.88 -8.12 17.81
CA ALA B 171 14.25 -9.40 18.10
C ALA B 171 15.14 -10.58 17.77
N GLU B 172 15.48 -11.36 18.80
CA GLU B 172 16.28 -12.57 18.64
C GLU B 172 15.42 -13.68 18.01
N ILE B 173 15.86 -14.19 16.86
CA ILE B 173 15.10 -15.17 16.09
C ILE B 173 15.39 -16.60 16.55
N VAL B 174 14.33 -17.35 16.85
CA VAL B 174 14.43 -18.75 17.26
C VAL B 174 13.56 -19.63 16.37
N ARG B 175 14.19 -20.57 15.67
CA ARG B 175 13.51 -21.44 14.71
C ARG B 175 13.38 -22.86 15.22
N PHE B 176 12.14 -23.35 15.35
CA PHE B 176 11.90 -24.74 15.76
C PHE B 176 11.56 -25.64 14.57
N ARG B 177 11.95 -26.91 14.66
CA ARG B 177 11.67 -27.91 13.62
C ARG B 177 10.24 -27.82 13.10
N HIS B 178 10.07 -27.94 11.79
CA HIS B 178 8.74 -27.82 11.19
C HIS B 178 7.73 -28.76 11.86
N ASN B 179 6.53 -28.24 12.08
CA ASN B 179 5.40 -28.98 12.65
C ASN B 179 5.72 -29.82 13.90
N SER B 180 6.77 -29.46 14.63
CA SER B 180 7.18 -30.24 15.79
C SER B 180 6.79 -29.59 17.12
N VAL B 181 5.62 -29.97 17.63
CA VAL B 181 5.13 -29.52 18.93
C VAL B 181 6.22 -29.62 19.99
N GLU B 182 6.96 -30.73 19.95
CA GLU B 182 7.96 -31.04 20.97
C GLU B 182 9.21 -30.17 20.88
N ASP B 183 9.69 -29.92 19.66
CA ASP B 183 10.85 -29.04 19.47
C ASP B 183 10.51 -27.63 19.90
N LEU B 184 9.23 -27.27 19.74
CA LEU B 184 8.73 -25.98 20.21
C LEU B 184 8.86 -25.88 21.73
N ASP B 185 8.46 -26.94 22.43
CA ASP B 185 8.57 -27.00 23.89
C ASP B 185 10.04 -26.95 24.35
N LYS B 186 10.86 -27.79 23.70
CA LYS B 186 12.29 -27.87 24.00
C LYS B 186 13.01 -26.54 23.82
N ARG B 187 12.78 -25.88 22.68
CA ARG B 187 13.43 -24.61 22.34
C ARG B 187 12.95 -23.48 23.25
N LEU B 188 11.65 -23.49 23.56
CA LEU B 188 11.03 -22.51 24.45
C LEU B 188 11.54 -22.65 25.87
N GLY B 189 11.74 -23.90 26.30
CA GLY B 189 12.19 -24.19 27.66
C GLY B 189 13.66 -23.87 27.89
N ARG B 190 14.38 -23.58 26.82
CA ARG B 190 15.81 -23.24 26.89
C ARG B 190 16.03 -21.74 26.87
N LEU B 191 14.94 -20.97 26.86
CA LEU B 191 15.01 -19.51 26.77
C LEU B 191 14.93 -18.87 28.15
N PRO B 192 15.60 -17.71 28.33
CA PRO B 192 15.46 -16.92 29.55
C PRO B 192 13.98 -16.67 29.87
N LYS B 193 13.60 -16.88 31.12
CA LYS B 193 12.20 -16.79 31.54
C LYS B 193 11.66 -15.35 31.62
N GLU B 194 12.53 -14.40 32.02
CA GLU B 194 12.14 -13.00 32.25
C GLU B 194 11.62 -12.25 31.00
N PRO B 195 12.38 -12.25 29.88
CA PRO B 195 12.04 -11.46 28.69
C PRO B 195 10.68 -11.80 28.05
N ALA B 196 10.24 -10.92 27.16
CA ALA B 196 8.95 -11.09 26.46
C ALA B 196 9.12 -11.95 25.21
N LYS B 197 8.19 -12.89 25.03
CA LYS B 197 8.26 -13.84 23.91
C LYS B 197 6.99 -13.82 23.05
N LEU B 198 7.17 -14.06 21.76
CA LEU B 198 6.04 -14.20 20.81
C LEU B 198 6.21 -15.41 19.91
N VAL B 199 5.22 -16.30 19.92
CA VAL B 199 5.22 -17.48 19.07
C VAL B 199 4.31 -17.23 17.87
N VAL B 200 4.88 -17.33 16.67
CA VAL B 200 4.14 -17.13 15.42
C VAL B 200 3.81 -18.47 14.78
N LEU B 201 2.53 -18.65 14.46
CA LEU B 201 2.04 -19.88 13.87
C LEU B 201 1.06 -19.60 12.73
N GLU B 202 0.99 -20.54 11.79
CA GLU B 202 0.08 -20.44 10.66
C GLU B 202 -0.99 -21.49 10.79
N GLY B 203 -2.21 -21.16 10.39
CA GLY B 203 -3.31 -22.12 10.41
C GLY B 203 -3.11 -23.19 9.37
N VAL B 204 -2.84 -22.77 8.14
CA VAL B 204 -2.60 -23.66 7.02
C VAL B 204 -1.19 -23.42 6.50
N TYR B 205 -0.44 -24.51 6.30
CA TYR B 205 0.87 -24.42 5.66
C TYR B 205 0.69 -24.38 4.14
N SER B 206 1.10 -23.28 3.54
CA SER B 206 0.85 -23.04 2.12
C SER B 206 1.61 -23.96 1.17
N MET B 207 2.69 -24.58 1.66
CA MET B 207 3.53 -25.43 0.82
C MET B 207 2.80 -26.72 0.43
N LEU B 208 2.49 -27.57 1.41
CA LEU B 208 1.85 -28.85 1.14
C LEU B 208 0.33 -28.83 1.34
N GLY B 209 -0.15 -27.83 2.06
CA GLY B 209 -1.58 -27.69 2.34
C GLY B 209 -2.06 -28.51 3.51
N ASP B 210 -1.25 -28.57 4.56
CA ASP B 210 -1.61 -29.30 5.78
C ASP B 210 -1.94 -28.36 6.93
N ILE B 211 -2.37 -28.94 8.05
CA ILE B 211 -2.84 -28.16 9.18
C ILE B 211 -1.86 -28.22 10.34
N ALA B 212 -1.54 -27.05 10.88
CA ALA B 212 -0.77 -26.94 12.12
C ALA B 212 -1.58 -27.47 13.28
N PRO B 213 -0.95 -28.23 14.18
CA PRO B 213 -1.63 -28.67 15.39
C PRO B 213 -1.65 -27.54 16.43
N LEU B 214 -2.41 -26.49 16.13
CA LEU B 214 -2.46 -25.30 16.95
C LEU B 214 -2.82 -25.60 18.41
N LYS B 215 -3.97 -26.26 18.60
CA LYS B 215 -4.47 -26.66 19.92
C LYS B 215 -3.34 -27.13 20.85
N GLU B 216 -2.43 -27.93 20.30
CA GLU B 216 -1.28 -28.47 21.04
C GLU B 216 -0.18 -27.43 21.25
N MET B 217 0.22 -26.78 20.16
CA MET B 217 1.25 -25.74 20.19
C MET B 217 0.85 -24.52 21.04
N VAL B 218 -0.37 -24.01 20.83
CA VAL B 218 -0.92 -22.91 21.63
C VAL B 218 -0.82 -23.19 23.12
N ALA B 219 -1.21 -24.40 23.53
CA ALA B 219 -1.14 -24.83 24.94
C ALA B 219 0.31 -24.91 25.45
N VAL B 220 1.22 -25.36 24.58
CA VAL B 220 2.65 -25.42 24.87
C VAL B 220 3.25 -24.02 25.01
N ALA B 221 2.73 -23.06 24.26
CA ALA B 221 3.14 -21.66 24.36
C ALA B 221 2.69 -21.06 25.69
N LYS B 222 1.44 -21.32 26.07
CA LYS B 222 0.87 -20.81 27.32
C LYS B 222 1.45 -21.50 28.56
N LYS B 223 2.07 -22.66 28.34
CA LYS B 223 2.90 -23.31 29.36
C LYS B 223 4.02 -22.36 29.77
N HIS B 224 4.42 -21.51 28.83
CA HIS B 224 5.54 -20.59 29.02
C HIS B 224 5.14 -19.12 29.05
N GLY B 225 3.84 -18.85 29.04
CA GLY B 225 3.31 -17.48 29.10
C GLY B 225 3.60 -16.64 27.86
N ALA B 226 4.09 -17.28 26.81
CA ALA B 226 4.43 -16.61 25.57
C ALA B 226 3.18 -16.15 24.84
N MET B 227 3.28 -15.05 24.11
CA MET B 227 2.16 -14.54 23.33
C MET B 227 2.07 -15.26 21.99
N VAL B 228 0.85 -15.45 21.50
CA VAL B 228 0.61 -16.25 20.30
C VAL B 228 0.03 -15.41 19.17
N LEU B 229 0.72 -15.42 18.03
CA LEU B 229 0.21 -14.82 16.80
C LEU B 229 -0.07 -15.92 15.79
N VAL B 230 -1.25 -15.86 15.19
CA VAL B 230 -1.64 -16.86 14.20
C VAL B 230 -2.03 -16.20 12.88
N ASP B 231 -1.39 -16.65 11.81
CA ASP B 231 -1.72 -16.22 10.46
C ASP B 231 -2.86 -17.08 9.94
N GLU B 232 -3.97 -16.44 9.59
CA GLU B 232 -5.12 -17.18 9.10
C GLU B 232 -5.52 -16.72 7.69
N ALA B 233 -4.51 -16.38 6.90
CA ALA B 233 -4.70 -15.93 5.52
C ALA B 233 -5.29 -17.04 4.65
N HIS B 234 -4.73 -18.25 4.74
CA HIS B 234 -5.14 -19.37 3.89
C HIS B 234 -6.38 -20.11 4.41
N SER B 235 -7.07 -19.54 5.37
CA SER B 235 -8.23 -20.19 5.97
C SER B 235 -9.46 -19.29 6.02
N MET B 236 -9.27 -17.99 5.82
CA MET B 236 -10.32 -17.00 6.01
C MET B 236 -11.58 -17.26 5.21
N GLY B 237 -12.70 -17.42 5.93
CA GLY B 237 -14.00 -17.64 5.32
C GLY B 237 -14.38 -19.09 5.11
N PHE B 238 -13.55 -20.05 5.54
CA PHE B 238 -13.88 -21.46 5.34
C PHE B 238 -13.33 -22.46 6.38
N PHE B 239 -12.88 -21.96 7.52
CA PHE B 239 -12.43 -22.81 8.64
C PHE B 239 -13.10 -22.37 9.94
N GLY B 240 -13.75 -23.32 10.62
CA GLY B 240 -14.45 -23.05 11.87
C GLY B 240 -15.90 -22.61 11.66
N PRO B 241 -16.70 -22.59 12.75
CA PRO B 241 -18.14 -22.22 12.70
C PRO B 241 -18.43 -20.87 12.01
N ASN B 242 -17.53 -19.90 12.18
CA ASN B 242 -17.69 -18.57 11.57
C ASN B 242 -16.69 -18.25 10.46
N GLY B 243 -15.88 -19.24 10.09
CA GLY B 243 -14.90 -19.09 9.02
C GLY B 243 -13.74 -18.19 9.41
N ARG B 244 -13.42 -18.18 10.69
CA ARG B 244 -12.37 -17.30 11.21
C ARG B 244 -10.97 -17.87 11.06
N GLY B 245 -10.89 -19.18 10.83
CA GLY B 245 -9.60 -19.82 10.62
C GLY B 245 -9.40 -21.08 11.41
N VAL B 246 -8.26 -21.74 11.17
CA VAL B 246 -7.91 -23.00 11.82
C VAL B 246 -8.02 -22.92 13.33
N TYR B 247 -7.61 -21.78 13.90
CA TYR B 247 -7.69 -21.59 15.34
C TYR B 247 -9.11 -21.82 15.83
N GLU B 248 -10.09 -21.31 15.09
CA GLU B 248 -11.49 -21.48 15.47
C GLU B 248 -11.96 -22.92 15.34
N ALA B 249 -11.58 -23.59 14.25
CA ALA B 249 -11.96 -24.98 14.02
C ALA B 249 -11.41 -25.92 15.11
N GLN B 250 -10.45 -25.42 15.89
CA GLN B 250 -9.84 -26.19 16.97
C GLN B 250 -10.24 -25.63 18.34
N GLY B 251 -11.28 -24.81 18.34
CA GLY B 251 -11.86 -24.24 19.57
C GLY B 251 -10.88 -23.43 20.40
N LEU B 252 -10.23 -22.46 19.77
CA LEU B 252 -9.23 -21.64 20.45
C LEU B 252 -9.63 -20.16 20.54
N GLU B 253 -10.89 -19.88 20.21
CA GLU B 253 -11.44 -18.53 20.32
C GLU B 253 -11.23 -18.03 21.73
N GLY B 254 -10.50 -16.92 21.87
CA GLY B 254 -10.22 -16.30 23.16
C GLY B 254 -8.87 -16.69 23.75
N GLN B 255 -8.28 -17.75 23.22
CA GLN B 255 -6.95 -18.18 23.68
C GLN B 255 -5.82 -17.66 22.79
N ILE B 256 -6.19 -17.14 21.61
CA ILE B 256 -5.20 -16.57 20.70
C ILE B 256 -5.13 -15.04 20.84
N ASP B 257 -3.93 -14.55 21.11
CA ASP B 257 -3.67 -13.13 21.32
C ASP B 257 -3.91 -12.29 20.06
N PHE B 258 -3.19 -12.63 18.99
CA PHE B 258 -3.29 -11.87 17.73
C PHE B 258 -3.53 -12.79 16.54
N VAL B 259 -4.43 -12.37 15.66
CA VAL B 259 -4.66 -13.05 14.40
C VAL B 259 -4.32 -12.10 13.25
N VAL B 260 -3.27 -12.44 12.51
CA VAL B 260 -2.88 -11.66 11.33
C VAL B 260 -3.54 -12.28 10.10
N GLY B 261 -3.57 -11.53 8.99
CA GLY B 261 -4.17 -11.98 7.74
C GLY B 261 -3.99 -11.00 6.61
N THR B 262 -4.38 -11.40 5.40
CA THR B 262 -4.28 -10.53 4.23
C THR B 262 -5.56 -10.49 3.40
N PHE B 263 -5.77 -9.37 2.72
CA PHE B 263 -6.92 -9.22 1.84
C PHE B 263 -6.72 -9.92 0.48
N SER B 264 -5.50 -10.39 0.21
CA SER B 264 -5.15 -10.99 -1.09
C SER B 264 -5.88 -12.30 -1.37
N LYS B 265 -5.97 -13.17 -0.38
CA LYS B 265 -6.51 -14.49 -0.59
C LYS B 265 -8.04 -14.63 -0.72
N SER B 266 -8.76 -14.42 0.37
CA SER B 266 -10.21 -14.64 0.35
C SER B 266 -10.93 -13.33 0.08
N VAL B 267 -10.52 -12.26 0.76
CA VAL B 267 -11.15 -10.95 0.64
C VAL B 267 -11.09 -10.45 -0.80
N GLY B 268 -9.89 -10.42 -1.37
CA GLY B 268 -9.72 -10.12 -2.79
C GLY B 268 -9.33 -8.69 -3.10
N THR B 269 -8.34 -8.17 -2.39
CA THR B 269 -7.84 -6.81 -2.63
C THR B 269 -6.50 -6.59 -1.94
N VAL B 270 -5.89 -5.44 -2.15
CA VAL B 270 -4.62 -5.12 -1.55
C VAL B 270 -4.81 -4.90 -0.04
N GLY B 271 -3.75 -5.10 0.74
CA GLY B 271 -3.80 -4.81 2.18
C GLY B 271 -3.84 -6.02 3.11
N GLY B 272 -3.67 -5.75 4.40
CA GLY B 272 -3.70 -6.79 5.44
C GLY B 272 -4.26 -6.24 6.74
N PHE B 273 -4.22 -7.06 7.80
CA PHE B 273 -4.86 -6.71 9.07
C PHE B 273 -4.34 -7.52 10.25
N VAL B 274 -4.52 -6.97 11.45
CA VAL B 274 -4.36 -7.72 12.69
C VAL B 274 -5.65 -7.55 13.47
N VAL B 275 -6.06 -8.59 14.20
CA VAL B 275 -7.18 -8.49 15.15
C VAL B 275 -6.76 -9.04 16.50
N SER B 276 -7.29 -8.43 17.56
CA SER B 276 -6.96 -8.82 18.91
C SER B 276 -8.10 -8.47 19.88
N ASN B 277 -8.02 -9.02 21.09
CA ASN B 277 -8.91 -8.66 22.18
C ASN B 277 -8.12 -8.04 23.33
N HIS B 278 -6.83 -7.81 23.08
CA HIS B 278 -5.95 -7.18 24.05
C HIS B 278 -6.43 -5.76 24.32
N PRO B 279 -6.71 -5.42 25.60
CA PRO B 279 -7.16 -4.07 25.96
C PRO B 279 -6.26 -2.97 25.39
N LYS B 280 -4.95 -3.14 25.51
CA LYS B 280 -3.95 -2.16 25.04
C LYS B 280 -3.76 -2.14 23.52
N PHE B 281 -4.41 -3.06 22.81
CA PHE B 281 -4.25 -3.21 21.36
C PHE B 281 -4.93 -2.03 20.66
N GLU B 282 -4.48 -0.85 20.92
CA GLU B 282 -4.78 0.32 20.11
C GLU B 282 -3.49 1.12 20.01
N ALA B 283 -2.67 0.98 21.07
CA ALA B 283 -1.33 1.54 21.11
C ALA B 283 -0.51 1.15 19.87
N VAL B 284 -0.71 -0.08 19.42
CA VAL B 284 -0.02 -0.61 18.23
C VAL B 284 -0.04 0.44 17.11
N ARG B 285 -1.23 0.99 16.86
CA ARG B 285 -1.44 2.00 15.82
C ARG B 285 -0.38 3.11 15.82
N LEU B 286 0.21 3.38 16.98
CA LEU B 286 1.14 4.49 17.14
C LEU B 286 2.62 4.10 17.23
N ALA B 287 2.96 2.91 16.77
CA ALA B 287 4.36 2.46 16.82
C ALA B 287 5.22 3.14 15.74
N CYS B 288 6.13 4.01 16.16
CA CYS B 288 6.92 4.80 15.20
C CYS B 288 8.41 4.41 15.11
N ARG B 289 8.84 3.49 15.97
CA ARG B 289 10.16 2.83 15.82
C ARG B 289 10.02 1.62 14.87
N PRO B 290 9.04 0.72 15.14
CA PRO B 290 8.56 -0.17 14.08
C PRO B 290 7.37 0.49 13.39
N TYR B 291 7.66 1.20 12.31
CA TYR B 291 6.83 2.27 11.75
C TYR B 291 5.29 2.15 11.77
N ILE B 292 4.65 3.30 11.94
CA ILE B 292 3.29 3.53 11.42
C ILE B 292 3.33 4.53 10.26
N PHE B 293 4.31 4.30 9.40
CA PHE B 293 4.15 4.60 8.00
C PHE B 293 3.16 3.54 7.53
N THR B 294 2.21 3.99 6.70
CA THR B 294 1.08 3.22 6.16
C THR B 294 0.30 4.24 5.35
N ALA B 295 -0.35 3.80 4.28
CA ALA B 295 -1.19 4.69 3.48
C ALA B 295 -2.65 4.39 3.73
N SER B 296 -3.50 5.38 3.51
CA SER B 296 -4.93 5.12 3.51
C SER B 296 -5.31 4.64 2.12
N LEU B 297 -6.05 3.53 2.09
CA LEU B 297 -6.45 2.89 0.86
C LEU B 297 -7.56 3.69 0.17
N PRO B 298 -7.59 3.71 -1.17
CA PRO B 298 -8.58 4.51 -1.89
C PRO B 298 -10.00 3.97 -1.73
N PRO B 299 -11.01 4.85 -1.90
CA PRO B 299 -12.44 4.54 -1.76
C PRO B 299 -12.88 3.17 -2.31
N SER B 300 -12.49 2.83 -3.55
CA SER B 300 -12.93 1.58 -4.14
C SER B 300 -12.34 0.37 -3.41
N VAL B 301 -11.08 0.47 -3.00
CA VAL B 301 -10.40 -0.63 -2.32
C VAL B 301 -11.07 -0.95 -0.97
N VAL B 302 -11.34 0.09 -0.18
CA VAL B 302 -11.99 -0.12 1.11
C VAL B 302 -13.42 -0.58 0.97
N ALA B 303 -14.13 0.00 0.00
CA ALA B 303 -15.51 -0.40 -0.30
C ALA B 303 -15.55 -1.88 -0.61
N THR B 304 -14.74 -2.28 -1.58
CA THR B 304 -14.66 -3.68 -2.00
C THR B 304 -14.32 -4.56 -0.81
N ALA B 305 -13.24 -4.22 -0.09
CA ALA B 305 -12.80 -5.03 1.06
C ALA B 305 -13.91 -5.21 2.09
N THR B 306 -14.51 -4.11 2.54
CA THR B 306 -15.63 -4.15 3.46
C THR B 306 -16.74 -5.06 2.97
N THR B 307 -17.29 -4.76 1.80
CA THR B 307 -18.36 -5.58 1.24
C THR B 307 -17.93 -7.04 1.28
N SER B 308 -16.74 -7.32 0.75
CA SER B 308 -16.27 -8.68 0.66
C SER B 308 -16.19 -9.34 2.04
N ILE B 309 -15.64 -8.62 3.02
CA ILE B 309 -15.49 -9.17 4.36
C ILE B 309 -16.86 -9.46 4.98
N ARG B 310 -17.82 -8.57 4.75
CA ARG B 310 -19.13 -8.71 5.34
C ARG B 310 -19.85 -9.89 4.72
N LYS B 311 -19.62 -10.09 3.42
CA LYS B 311 -20.24 -11.19 2.69
C LYS B 311 -19.65 -12.51 3.11
N LEU B 312 -18.35 -12.51 3.42
CA LEU B 312 -17.66 -13.69 3.92
C LEU B 312 -18.22 -14.23 5.24
N MET B 313 -19.05 -13.44 5.92
CA MET B 313 -19.68 -13.88 7.16
C MET B 313 -20.90 -14.76 6.88
N THR B 314 -21.42 -14.66 5.66
CA THR B 314 -22.67 -15.32 5.31
C THR B 314 -22.59 -16.24 4.10
N ALA B 315 -21.39 -16.36 3.52
CA ALA B 315 -21.21 -17.09 2.28
C ALA B 315 -21.18 -18.60 2.50
N HIS B 316 -22.29 -19.12 3.02
CA HIS B 316 -22.41 -20.54 3.37
C HIS B 316 -22.34 -21.46 2.15
N GLU B 317 -22.98 -21.05 1.06
CA GLU B 317 -22.97 -21.83 -0.18
C GLU B 317 -21.57 -21.91 -0.78
N LYS B 318 -20.89 -20.76 -0.87
CA LYS B 318 -19.50 -20.72 -1.31
C LYS B 318 -18.64 -21.63 -0.42
N ARG B 319 -18.86 -21.57 0.88
CA ARG B 319 -18.10 -22.39 1.81
C ARG B 319 -18.31 -23.89 1.58
N GLU B 320 -19.54 -24.30 1.32
CA GLU B 320 -19.84 -25.69 1.04
C GLU B 320 -19.31 -26.12 -0.32
N ARG B 321 -19.35 -25.20 -1.29
CA ARG B 321 -18.83 -25.47 -2.63
C ARG B 321 -17.32 -25.62 -2.65
N LEU B 322 -16.63 -24.72 -1.94
CA LEU B 322 -15.17 -24.78 -1.77
C LEU B 322 -14.67 -26.15 -1.28
N TRP B 323 -15.30 -26.67 -0.24
CA TRP B 323 -14.89 -27.95 0.33
C TRP B 323 -15.23 -29.16 -0.56
N SER B 324 -16.43 -29.19 -1.14
CA SER B 324 -16.76 -30.22 -2.13
C SER B 324 -15.68 -30.26 -3.21
N ASN B 325 -15.46 -29.12 -3.86
CA ASN B 325 -14.41 -28.98 -4.87
C ASN B 325 -13.06 -29.49 -4.38
N ALA B 326 -12.66 -29.02 -3.20
CA ALA B 326 -11.41 -29.44 -2.58
C ALA B 326 -11.36 -30.95 -2.37
N ARG B 327 -12.41 -31.51 -1.79
CA ARG B 327 -12.45 -32.95 -1.51
C ARG B 327 -12.55 -33.79 -2.78
N ALA B 328 -13.36 -33.33 -3.73
CA ALA B 328 -13.51 -33.97 -5.03
C ALA B 328 -12.15 -34.10 -5.74
N LEU B 329 -11.39 -33.01 -5.76
CA LEU B 329 -10.08 -32.99 -6.41
C LEU B 329 -9.06 -33.84 -5.67
N HIS B 330 -9.01 -33.69 -4.35
CA HIS B 330 -8.06 -34.43 -3.52
C HIS B 330 -8.26 -35.94 -3.69
N GLY B 331 -9.46 -36.41 -3.40
CA GLY B 331 -9.82 -37.82 -3.56
C GLY B 331 -9.57 -38.32 -4.97
N GLY B 332 -9.97 -37.52 -5.95
CA GLY B 332 -9.81 -37.86 -7.36
C GLY B 332 -8.37 -38.10 -7.79
N LEU B 333 -7.51 -37.11 -7.53
CA LEU B 333 -6.09 -37.22 -7.87
C LEU B 333 -5.41 -38.38 -7.14
N LYS B 334 -5.84 -38.63 -5.91
CA LYS B 334 -5.29 -39.71 -5.10
C LYS B 334 -5.61 -41.06 -5.73
N ALA B 335 -6.88 -41.22 -6.14
CA ALA B 335 -7.36 -42.46 -6.73
C ALA B 335 -6.74 -42.77 -8.09
N MET B 336 -5.97 -41.82 -8.61
CA MET B 336 -5.21 -42.01 -9.84
C MET B 336 -3.77 -42.41 -9.53
N GLY B 337 -3.42 -42.38 -8.24
CA GLY B 337 -2.10 -42.82 -7.78
C GLY B 337 -1.04 -41.73 -7.74
N PHE B 338 -1.47 -40.49 -7.54
CA PHE B 338 -0.57 -39.36 -7.35
C PHE B 338 -0.14 -39.29 -5.90
N ARG B 339 1.11 -38.92 -5.65
CA ARG B 339 1.56 -38.65 -4.29
C ARG B 339 1.16 -37.21 -3.91
N LEU B 340 0.21 -37.11 -2.98
CA LEU B 340 -0.25 -35.80 -2.52
C LEU B 340 0.47 -35.43 -1.22
N GLY B 341 0.43 -34.14 -0.88
CA GLY B 341 1.08 -33.63 0.32
C GLY B 341 0.40 -34.05 1.60
N THR B 342 -0.86 -34.44 1.50
CA THR B 342 -1.68 -34.80 2.64
C THR B 342 -2.55 -36.01 2.29
N GLU B 343 -2.72 -36.93 3.25
CA GLU B 343 -3.56 -38.12 3.03
C GLU B 343 -5.04 -37.74 2.95
N THR B 344 -5.45 -36.83 3.83
CA THR B 344 -6.83 -36.35 3.86
C THR B 344 -6.89 -34.92 3.34
N CYS B 345 -8.01 -34.56 2.73
CA CYS B 345 -8.24 -33.18 2.28
C CYS B 345 -8.41 -32.24 3.49
N ASP B 346 -7.35 -31.49 3.78
CA ASP B 346 -7.27 -30.69 5.01
C ASP B 346 -7.54 -29.21 4.80
N SER B 347 -7.36 -28.76 3.56
CA SER B 347 -7.48 -27.35 3.20
C SER B 347 -7.85 -27.20 1.73
N ALA B 348 -7.87 -25.96 1.26
CA ALA B 348 -8.18 -25.68 -0.13
C ALA B 348 -6.98 -25.86 -1.06
N ILE B 349 -5.80 -26.08 -0.50
CA ILE B 349 -4.62 -26.38 -1.31
C ILE B 349 -4.44 -27.88 -1.47
N VAL B 350 -4.30 -28.34 -2.71
CA VAL B 350 -3.98 -29.72 -3.01
C VAL B 350 -2.67 -29.75 -3.78
N ALA B 351 -1.62 -30.25 -3.13
CA ALA B 351 -0.29 -30.26 -3.73
C ALA B 351 0.11 -31.66 -4.20
N VAL B 352 0.42 -31.77 -5.49
CA VAL B 352 0.92 -33.01 -6.08
C VAL B 352 2.44 -33.01 -5.98
N MET B 353 2.98 -34.05 -5.36
CA MET B 353 4.41 -34.19 -5.16
C MET B 353 5.06 -35.02 -6.26
N LEU B 354 6.14 -34.47 -6.81
CA LEU B 354 6.95 -35.13 -7.82
C LEU B 354 8.39 -35.13 -7.32
N GLU B 355 9.20 -36.05 -7.82
CA GLU B 355 10.56 -36.24 -7.30
C GLU B 355 11.67 -35.77 -8.23
N ASP B 356 11.28 -35.21 -9.37
CA ASP B 356 12.22 -34.82 -10.40
C ASP B 356 11.86 -33.45 -10.95
N GLN B 357 12.79 -32.50 -10.88
CA GLN B 357 12.55 -31.11 -11.33
C GLN B 357 12.09 -31.05 -12.78
N GLU B 358 12.80 -31.79 -13.63
CA GLU B 358 12.52 -31.86 -15.06
C GLU B 358 11.12 -32.40 -15.31
N GLN B 359 10.82 -33.53 -14.68
CA GLN B 359 9.50 -34.16 -14.78
C GLN B 359 8.39 -33.20 -14.35
N ALA B 360 8.59 -32.53 -13.22
CA ALA B 360 7.65 -31.52 -12.70
C ALA B 360 7.44 -30.38 -13.68
N ALA B 361 8.55 -29.87 -14.21
CA ALA B 361 8.52 -28.79 -15.18
C ALA B 361 7.71 -29.17 -16.42
N MET B 362 7.94 -30.37 -16.92
CA MET B 362 7.26 -30.85 -18.12
C MET B 362 5.76 -31.03 -17.89
N MET B 363 5.40 -31.60 -16.76
CA MET B 363 3.99 -31.82 -16.48
C MET B 363 3.26 -30.51 -16.44
N TRP B 364 3.87 -29.54 -15.74
CA TRP B 364 3.32 -28.18 -15.67
C TRP B 364 3.08 -27.68 -17.09
N GLN B 365 4.10 -27.80 -17.94
CA GLN B 365 3.99 -27.38 -19.33
C GLN B 365 2.81 -28.08 -20.01
N ALA B 366 2.75 -29.39 -19.89
CA ALA B 366 1.65 -30.20 -20.43
C ALA B 366 0.29 -29.74 -19.92
N LEU B 367 0.16 -29.56 -18.61
CA LEU B 367 -1.07 -29.09 -18.01
C LEU B 367 -1.50 -27.73 -18.54
N LEU B 368 -0.53 -26.83 -18.73
CA LEU B 368 -0.81 -25.50 -19.24
C LEU B 368 -1.31 -25.54 -20.67
N ASP B 369 -0.59 -26.30 -21.50
CA ASP B 369 -0.98 -26.53 -22.88
C ASP B 369 -2.37 -27.16 -22.99
N GLY B 370 -2.66 -28.09 -22.08
CA GLY B 370 -3.94 -28.78 -22.03
C GLY B 370 -5.10 -27.92 -21.60
N GLY B 371 -4.81 -26.75 -21.03
CA GLY B 371 -5.82 -25.75 -20.64
C GLY B 371 -6.01 -25.60 -19.15
N LEU B 372 -4.95 -25.84 -18.38
CA LEU B 372 -5.00 -25.72 -16.94
C LEU B 372 -3.76 -25.00 -16.39
N TYR B 373 -3.99 -24.05 -15.50
CA TYR B 373 -2.91 -23.35 -14.82
C TYR B 373 -2.86 -23.70 -13.34
N VAL B 374 -1.75 -24.30 -12.92
CA VAL B 374 -1.49 -24.58 -11.51
C VAL B 374 -0.15 -24.00 -11.08
N ASN B 375 0.13 -24.04 -9.78
CA ASN B 375 1.37 -23.49 -9.26
C ASN B 375 2.51 -24.47 -9.34
N MET B 376 3.70 -23.95 -9.63
CA MET B 376 4.93 -24.72 -9.55
C MET B 376 5.69 -24.31 -8.29
N ALA B 377 6.11 -25.29 -7.50
CA ALA B 377 6.92 -25.03 -6.33
C ALA B 377 8.21 -25.81 -6.43
N ARG B 378 9.32 -25.19 -6.05
CA ARG B 378 10.54 -25.96 -5.86
C ARG B 378 11.50 -25.22 -4.93
N PRO B 379 12.52 -25.96 -4.50
CA PRO B 379 13.57 -25.50 -3.64
C PRO B 379 14.17 -24.30 -4.30
N PRO B 380 14.74 -23.40 -3.51
CA PRO B 380 14.26 -22.84 -2.26
C PRO B 380 12.80 -22.58 -2.37
N ALA B 381 11.95 -23.46 -1.90
CA ALA B 381 10.80 -23.01 -1.12
C ALA B 381 10.64 -24.31 -0.37
N THR B 382 10.66 -25.38 -1.17
CA THR B 382 10.50 -26.76 -0.74
C THR B 382 11.80 -27.46 -0.31
N PRO B 383 11.68 -28.59 0.43
CA PRO B 383 12.91 -29.36 0.69
C PRO B 383 13.51 -29.84 -0.63
N ALA B 384 14.83 -29.80 -0.75
CA ALA B 384 15.49 -30.26 -1.97
C ALA B 384 14.98 -31.64 -2.37
N GLY B 385 14.83 -31.87 -3.67
CA GLY B 385 14.24 -33.12 -4.15
C GLY B 385 12.73 -33.20 -3.97
N THR B 386 12.12 -32.10 -3.56
CA THR B 386 10.66 -32.01 -3.45
C THR B 386 10.17 -30.93 -4.41
N PHE B 387 9.38 -31.37 -5.39
CA PHE B 387 8.84 -30.49 -6.41
C PHE B 387 7.34 -30.65 -6.39
N LEU B 388 6.64 -29.53 -6.32
CA LEU B 388 5.18 -29.56 -6.14
C LEU B 388 4.43 -28.90 -7.28
N LEU B 389 3.34 -29.54 -7.67
CA LEU B 389 2.34 -28.89 -8.49
C LEU B 389 1.20 -28.60 -7.54
N ARG B 390 0.90 -27.32 -7.35
CA ARG B 390 0.01 -26.90 -6.27
C ARG B 390 -1.30 -26.34 -6.79
N CYS B 391 -2.38 -27.05 -6.50
CA CYS B 391 -3.71 -26.64 -6.88
C CYS B 391 -4.34 -25.88 -5.74
N SER B 392 -4.99 -24.77 -6.05
CA SER B 392 -5.69 -23.98 -5.05
C SER B 392 -7.14 -23.82 -5.51
N ILE B 393 -8.03 -24.45 -4.74
CA ILE B 393 -9.42 -24.55 -5.11
C ILE B 393 -10.15 -23.22 -4.95
N CYS B 394 -11.16 -23.01 -5.79
CA CYS B 394 -12.00 -21.83 -5.72
C CYS B 394 -13.43 -22.25 -5.48
N ALA B 395 -14.11 -21.50 -4.61
CA ALA B 395 -15.51 -21.73 -4.31
C ALA B 395 -16.38 -21.59 -5.56
N GLU B 396 -15.83 -20.93 -6.58
CA GLU B 396 -16.56 -20.70 -7.84
C GLU B 396 -16.30 -21.75 -8.93
N HIS B 397 -15.36 -22.68 -8.69
CA HIS B 397 -15.15 -23.80 -9.59
C HIS B 397 -16.38 -24.67 -9.61
N THR B 398 -16.91 -24.95 -10.81
CA THR B 398 -18.06 -25.86 -10.94
C THR B 398 -17.59 -27.31 -10.77
N PRO B 399 -18.50 -28.22 -10.33
CA PRO B 399 -18.19 -29.65 -10.29
C PRO B 399 -17.66 -30.19 -11.63
N ALA B 400 -18.18 -29.64 -12.72
CA ALA B 400 -17.74 -30.01 -14.08
C ALA B 400 -16.27 -29.65 -14.30
N GLN B 401 -15.90 -28.44 -13.89
CA GLN B 401 -14.53 -27.98 -14.02
C GLN B 401 -13.57 -28.89 -13.27
N ILE B 402 -13.95 -29.27 -12.04
CA ILE B 402 -13.14 -30.19 -11.25
C ILE B 402 -12.96 -31.52 -11.96
N GLN B 403 -14.02 -31.99 -12.64
CA GLN B 403 -13.95 -33.22 -13.43
C GLN B 403 -12.99 -33.07 -14.61
N THR B 404 -13.03 -31.91 -15.26
CA THR B 404 -12.12 -31.60 -16.35
C THR B 404 -10.68 -31.54 -15.83
N VAL B 405 -10.50 -30.95 -14.66
CA VAL B 405 -9.18 -30.85 -14.04
C VAL B 405 -8.60 -32.24 -13.78
N LEU B 406 -9.43 -33.12 -13.23
CA LEU B 406 -9.05 -34.52 -13.02
C LEU B 406 -8.67 -35.21 -14.31
N GLY B 407 -9.47 -34.99 -15.36
CA GLY B 407 -9.20 -35.55 -16.68
C GLY B 407 -7.86 -35.09 -17.21
N MET B 408 -7.58 -33.81 -16.98
CA MET B 408 -6.35 -33.17 -17.46
C MET B 408 -5.12 -33.69 -16.74
N PHE B 409 -5.21 -33.78 -15.41
CA PHE B 409 -4.15 -34.33 -14.58
C PHE B 409 -3.83 -35.79 -14.92
N GLN B 410 -4.87 -36.58 -15.21
CA GLN B 410 -4.69 -37.93 -15.70
C GLN B 410 -3.93 -37.93 -17.02
N ALA B 411 -4.49 -37.25 -18.02
CA ALA B 411 -3.87 -37.15 -19.35
C ALA B 411 -2.41 -36.74 -19.27
N ALA B 412 -2.15 -35.60 -18.61
CA ALA B 412 -0.79 -35.08 -18.46
C ALA B 412 0.12 -36.05 -17.73
N GLY B 413 -0.31 -36.49 -16.54
CA GLY B 413 0.46 -37.40 -15.69
C GLY B 413 0.90 -38.67 -16.40
N ARG B 414 -0.02 -39.25 -17.17
CA ARG B 414 0.27 -40.43 -17.99
C ARG B 414 1.36 -40.09 -19.00
N ALA B 415 1.09 -39.09 -19.84
CA ALA B 415 2.04 -38.66 -20.87
C ALA B 415 3.46 -38.45 -20.37
N VAL B 416 3.61 -37.85 -19.18
CA VAL B 416 4.92 -37.50 -18.65
C VAL B 416 5.59 -38.68 -17.93
N GLY B 417 4.78 -39.58 -17.37
CA GLY B 417 5.29 -40.77 -16.71
C GLY B 417 5.20 -40.76 -15.20
N VAL B 418 4.33 -39.90 -14.68
CA VAL B 418 4.11 -39.75 -13.25
C VAL B 418 3.16 -40.83 -12.74
N ILE B 419 2.31 -41.32 -13.64
CA ILE B 419 1.35 -42.38 -13.34
C ILE B 419 1.24 -43.36 -14.51
#